data_6I02
#
_entry.id   6I02
#
_cell.length_a   99.811
_cell.length_b   99.811
_cell.length_c   260.488
_cell.angle_alpha   90.00
_cell.angle_beta   90.00
_cell.angle_gamma   120.00
#
_symmetry.space_group_name_H-M   'P 61'
#
loop_
_entity.id
_entity.type
_entity.pdbx_description
1 polymer 'D-glucuronyl C5-epimerase'
2 branched 'alpha-L-idopyranuronic acid-(1-4)-2-deoxy-2-(sulfoamino)-alpha-D-glucopyranose-(1-4)-alpha-L-idopyranuronic acid-(1-4)-2-deoxy-2-(sulfoamino)-alpha-D-glucopyranose-(1-4)-alpha-L-idopyranuronic acid-(1-4)-2-deoxy-2-(sulfoamino)-alpha-D-glucopyranose-(1-4)-alpha-L-idopyranuronic acid-(1-4)-2-deoxy-2-(sulfoamino)-alpha-D-glucopyranose'
3 branched 2-acetamido-2-deoxy-beta-D-glucopyranose-(1-2)-alpha-D-mannopyranose-(1-3)-[alpha-D-mannopyranose-(1-6)]beta-D-mannopyranose-(1-4)-2-acetamido-2-deoxy-beta-D-glucopyranose-(1-4)-2-acetamido-2-deoxy-beta-D-glucopyranose
4 branched beta-D-mannopyranose-(1-4)-2-acetamido-2-deoxy-beta-D-glucopyranose-(1-4)-2-acetamido-2-deoxy-beta-D-glucopyranose
5 branched 'alpha-L-idopyranuronic acid-(1-4)-2-deoxy-2-(sulfoamino)-alpha-D-glucopyranose-(1-4)-alpha-L-idopyranuronic acid-(1-4)-2-deoxy-2-(sulfoamino)-alpha-D-glucopyranose-(1-4)-alpha-L-idopyranuronic acid-(1-4)-2-deoxy-2-(sulfoamino)-alpha-D-glucopyranose-(1-4)-alpha-L-idopyranuronic acid'
6 branched alpha-D-mannopyranose-(1-3)-[alpha-D-mannopyranose-(1-6)]beta-D-mannopyranose-(1-4)-2-acetamido-2-deoxy-beta-D-glucopyranose-(1-4)-2-acetamido-2-deoxy-beta-D-glucopyranose
7 branched alpha-D-mannopyranose-(1-3)-beta-D-mannopyranose-(1-4)-2-acetamido-2-deoxy-beta-D-glucopyranose-(1-4)-2-acetamido-2-deoxy-beta-D-glucopyranose
8 branched 2-acetamido-2-deoxy-beta-D-glucopyranose-(1-4)-2-acetamido-2-deoxy-beta-D-glucopyranose
9 non-polymer 'CALCIUM ION'
10 non-polymer 2-acetamido-2-deoxy-beta-D-glucopyranose
11 non-polymer GLYCEROL
12 non-polymer '2-(N-MORPHOLINO)-ETHANESULFONIC ACID'
13 non-polymer 'HEXAETHYLENE GLYCOL'
14 water water
#
_entity_poly.entity_id   1
_entity_poly.type   'polypeptide(L)'
_entity_poly.pdbx_seq_one_letter_code
;DYKDDDDKVLGLKYEEIDCLINDEHTIKGRREGNEVFLPFTWVEKYFDVYGKVVQYDGYDRFEFSHSYSKVYAQRAPYHP
DGVFMSFEGYNVEVRDRVKCISGVEGVPLSTQWGPQGYFYPIQIAQYGLSHYSKNLTEKPPHIEVYETAEDRDKNKPNDW
TVPKGCFMANVADKSRFTNVKQFIAPETSEGVSLQLGNTKDFIISFDLKFLTNGSVSVVLETTEKNQLFTIHYVSNAQLI
AFKERDIYYGIGPRTSWSTVTRDLVTDLRKGVGLSNTKAVKPTKIMPKKVVRLIAKGKGFLDNITISTTAHMAAFFAASD
WLVRNQDEKGGWPIMVTRKLGEGFKSLEPGWYSAMAQGQAISTLVRAYLLTKDHIFLNSALRATAPYKFLSEQHGVKAVF
MNKHDWYEEYPTTPSSFVLNGFMYSLIGLYDLKETAGEKLGKEARSLYERGMESLKAMLPLYDTGSGTIYDLRHFMLGIA
PNLARWDFHTTHINQLQLLSTIDESPVFKEFVKRWKSYLKGSRAKHN
;
_entity_poly.pdbx_strand_id   A,B
#
loop_
_chem_comp.id
_chem_comp.type
_chem_comp.name
_chem_comp.formula
BMA D-saccharide, beta linking beta-D-mannopyranose 'C6 H12 O6'
CA non-polymer 'CALCIUM ION' 'Ca 2'
GNS D-saccharide, alpha linking 2-deoxy-2-(sulfoamino)-alpha-D-glucopyranose 'C6 H13 N O8 S'
GOL non-polymer GLYCEROL 'C3 H8 O3'
IDR L-saccharide, alpha linking 'alpha-L-idopyranuronic acid' 'C6 H10 O7'
MAN D-saccharide, alpha linking alpha-D-mannopyranose 'C6 H12 O6'
MES non-polymer '2-(N-MORPHOLINO)-ETHANESULFONIC ACID' 'C6 H13 N O4 S'
NAG D-saccharide, beta linking 2-acetamido-2-deoxy-beta-D-glucopyranose 'C8 H15 N O6'
P6G non-polymer 'HEXAETHYLENE GLYCOL' 'C12 H26 O7'
#
# COMPACT_ATOMS: atom_id res chain seq x y z
N LEU A 12 -17.23 17.58 32.84
CA LEU A 12 -18.17 18.67 33.35
C LEU A 12 -18.29 19.78 32.28
N LYS A 13 -17.39 20.79 32.29
CA LYS A 13 -17.54 22.01 31.45
C LYS A 13 -16.70 21.91 30.15
N TYR A 14 -17.40 22.24 29.06
CA TYR A 14 -16.94 22.09 27.72
C TYR A 14 -17.34 23.34 26.93
N GLU A 15 -17.17 23.25 25.61
CA GLU A 15 -17.33 24.34 24.69
C GLU A 15 -17.48 23.74 23.28
N GLU A 16 -18.63 23.95 22.63
CA GLU A 16 -18.83 23.42 21.28
C GLU A 16 -17.86 24.17 20.35
N ILE A 17 -17.30 23.45 19.36
CA ILE A 17 -16.32 24.04 18.42
C ILE A 17 -16.51 23.42 17.05
N ASP A 18 -16.49 24.29 16.03
CA ASP A 18 -16.52 23.88 14.64
C ASP A 18 -15.17 23.20 14.31
N CYS A 19 -15.24 22.08 13.61
CA CYS A 19 -14.09 21.34 13.21
C CYS A 19 -14.14 21.17 11.69
N LEU A 20 -13.24 21.89 11.01
CA LEU A 20 -13.12 21.87 9.57
C LEU A 20 -12.29 20.65 9.16
N ILE A 21 -12.81 19.84 8.27
CA ILE A 21 -12.19 18.54 7.90
C ILE A 21 -11.58 18.68 6.51
N ASN A 22 -10.24 18.72 6.43
CA ASN A 22 -9.55 18.72 5.14
C ASN A 22 -10.00 19.91 4.30
N ASP A 23 -10.39 21.03 4.94
CA ASP A 23 -10.91 22.25 4.26
C ASP A 23 -12.16 22.00 3.39
N GLU A 24 -13.04 21.05 3.72
CA GLU A 24 -14.14 20.80 2.78
C GLU A 24 -15.46 20.38 3.46
N HIS A 25 -15.50 20.17 4.78
CA HIS A 25 -16.75 19.83 5.51
C HIS A 25 -16.53 20.24 6.97
N THR A 26 -17.58 20.72 7.64
CA THR A 26 -17.46 21.08 9.03
C THR A 26 -18.28 20.10 9.89
N ILE A 27 -17.71 19.66 11.02
CA ILE A 27 -18.42 18.81 11.98
C ILE A 27 -18.37 19.52 13.32
N LYS A 28 -19.22 19.07 14.26
CA LYS A 28 -19.27 19.64 15.60
C LYS A 28 -18.43 18.79 16.56
N GLY A 29 -17.37 19.38 17.10
CA GLY A 29 -16.60 18.78 18.19
C GLY A 29 -16.83 19.47 19.51
N ARG A 30 -16.06 19.07 20.52
CA ARG A 30 -16.17 19.64 21.86
C ARG A 30 -14.75 19.91 22.35
N ARG A 31 -14.60 20.98 23.14
CA ARG A 31 -13.30 21.42 23.59
C ARG A 31 -13.30 21.73 25.11
N GLU A 32 -12.21 21.31 25.75
CA GLU A 32 -11.95 21.53 27.16
C GLU A 32 -10.49 21.97 27.23
N GLY A 33 -10.31 23.28 27.43
CA GLY A 33 -9.02 23.92 27.38
C GLY A 33 -8.38 23.74 26.02
N ASN A 34 -7.29 22.97 26.02
CA ASN A 34 -6.47 22.80 24.86
C ASN A 34 -6.81 21.49 24.15
N GLU A 35 -7.64 20.64 24.77
CA GLU A 35 -7.93 19.35 24.19
C GLU A 35 -9.21 19.48 23.36
N VAL A 36 -9.19 18.96 22.12
CA VAL A 36 -10.38 18.89 21.28
C VAL A 36 -10.84 17.42 21.18
N PHE A 37 -12.15 17.20 21.25
CA PHE A 37 -12.73 15.89 21.18
C PHE A 37 -13.60 15.82 19.94
N LEU A 38 -13.43 14.74 19.17
CA LEU A 38 -14.12 14.59 17.94
C LEU A 38 -15.15 13.49 18.07
N PRO A 39 -16.32 13.66 17.45
CA PRO A 39 -17.38 12.65 17.53
C PRO A 39 -17.01 11.32 16.86
N PHE A 40 -17.28 10.21 17.55
CA PHE A 40 -16.92 8.92 17.01
C PHE A 40 -17.72 8.64 15.73
N THR A 41 -18.89 9.25 15.59
CA THR A 41 -19.70 9.15 14.38
C THR A 41 -18.87 9.51 13.15
N TRP A 42 -18.05 10.56 13.26
CA TRP A 42 -17.16 10.92 12.20
C TRP A 42 -15.98 9.94 12.10
N VAL A 43 -15.31 9.65 13.22
CA VAL A 43 -14.12 8.84 13.23
C VAL A 43 -14.40 7.49 12.56
N GLU A 44 -15.52 6.86 12.95
CA GLU A 44 -15.96 5.59 12.44
C GLU A 44 -16.00 5.57 10.89
N LYS A 45 -16.65 6.55 10.28
CA LYS A 45 -16.87 6.56 8.87
C LYS A 45 -15.62 7.03 8.12
N TYR A 46 -14.92 8.03 8.65
CA TYR A 46 -13.80 8.66 7.96
C TYR A 46 -12.60 7.72 7.90
N PHE A 47 -12.33 7.04 9.00
CA PHE A 47 -11.17 6.12 9.11
C PHE A 47 -11.60 4.68 8.86
N ASP A 48 -12.89 4.41 8.72
CA ASP A 48 -13.44 3.04 8.49
C ASP A 48 -13.05 2.12 9.65
N VAL A 49 -13.40 2.51 10.87
CA VAL A 49 -13.07 1.73 12.10
C VAL A 49 -14.34 1.30 12.83
N TYR A 50 -14.20 0.72 14.02
CA TYR A 50 -15.33 0.10 14.75
C TYR A 50 -15.28 0.39 16.24
N GLY A 51 -16.44 0.45 16.85
CA GLY A 51 -16.50 0.54 18.28
C GLY A 51 -17.93 0.69 18.77
N LYS A 52 -18.11 0.46 20.07
CA LYS A 52 -19.34 0.60 20.72
C LYS A 52 -19.14 0.66 22.22
N VAL A 53 -20.16 1.16 22.89
CA VAL A 53 -20.20 1.18 24.30
C VAL A 53 -20.67 -0.20 24.77
N VAL A 54 -19.94 -0.76 25.72
CA VAL A 54 -20.28 -2.00 26.33
C VAL A 54 -20.61 -1.71 27.78
N GLN A 55 -21.74 -2.27 28.21
CA GLN A 55 -22.30 -2.06 29.54
C GLN A 55 -21.99 -3.31 30.36
N TYR A 56 -21.18 -3.12 31.39
CA TYR A 56 -20.95 -4.10 32.39
C TYR A 56 -21.64 -3.61 33.67
N ASP A 57 -21.68 -4.50 34.66
CA ASP A 57 -22.23 -4.24 35.96
C ASP A 57 -21.34 -3.20 36.68
N GLY A 58 -21.84 -1.96 36.81
CA GLY A 58 -21.17 -0.88 37.52
C GLY A 58 -20.02 -0.28 36.72
N TYR A 59 -19.99 -0.53 35.40
CA TYR A 59 -18.94 0.01 34.57
C TYR A 59 -19.33 -0.02 33.10
N ASP A 60 -19.34 1.16 32.49
CA ASP A 60 -19.61 1.37 31.08
C ASP A 60 -18.28 1.70 30.43
N ARG A 61 -18.04 1.15 29.25
CA ARG A 61 -16.74 1.33 28.58
C ARG A 61 -16.92 1.29 27.07
N PHE A 62 -16.38 2.29 26.39
CA PHE A 62 -16.33 2.29 24.95
C PHE A 62 -15.13 1.43 24.52
N GLU A 63 -15.33 0.66 23.47
CA GLU A 63 -14.39 -0.33 23.07
C GLU A 63 -14.19 -0.22 21.57
N PHE A 64 -12.96 0.16 21.20
CA PHE A 64 -12.63 0.50 19.85
C PHE A 64 -11.89 -0.66 19.23
N SER A 65 -12.09 -0.90 17.93
CA SER A 65 -11.31 -1.89 17.15
C SER A 65 -10.93 -1.31 15.82
N HIS A 66 -9.67 -1.46 15.47
CA HIS A 66 -9.22 -1.12 14.16
C HIS A 66 -9.92 -1.99 13.12
N SER A 67 -10.10 -3.28 13.43
CA SER A 67 -10.55 -4.28 12.43
C SER A 67 -11.64 -5.13 13.03
N TYR A 68 -12.18 -6.07 12.28
CA TYR A 68 -13.31 -6.87 12.84
C TYR A 68 -12.94 -8.35 12.98
N SER A 69 -12.00 -8.86 12.19
CA SER A 69 -11.81 -10.30 12.24
C SER A 69 -10.80 -10.65 13.34
N LYS A 70 -10.63 -11.94 13.63
CA LYS A 70 -9.61 -12.44 14.55
C LYS A 70 -8.74 -13.48 13.88
N VAL A 71 -7.51 -13.58 14.40
CA VAL A 71 -6.56 -14.58 14.02
C VAL A 71 -6.78 -15.83 14.88
N TYR A 72 -6.53 -16.98 14.28
CA TYR A 72 -6.74 -18.24 14.90
C TYR A 72 -5.56 -18.53 15.84
N ALA A 73 -5.90 -18.93 17.05
CA ALA A 73 -4.93 -19.34 18.06
C ALA A 73 -4.60 -20.81 17.85
N GLN A 74 -3.51 -21.01 17.15
CA GLN A 74 -2.96 -22.27 16.82
C GLN A 74 -2.56 -23.01 18.11
N ARG A 75 -3.03 -24.24 18.29
CA ARG A 75 -2.74 -25.03 19.49
C ARG A 75 -1.60 -26.03 19.23
N ALA A 76 -1.14 -26.13 17.97
CA ALA A 76 -0.18 -27.17 17.59
C ALA A 76 0.39 -26.89 16.20
N PRO A 77 1.51 -27.51 15.81
CA PRO A 77 1.99 -27.41 14.44
C PRO A 77 0.99 -28.08 13.47
N TYR A 78 0.94 -27.61 12.22
CA TYR A 78 0.07 -28.19 11.25
C TYR A 78 0.48 -29.65 10.99
N HIS A 79 -0.51 -30.53 10.84
CA HIS A 79 -0.31 -31.86 10.32
CA HIS A 79 -0.32 -31.91 10.35
C HIS A 79 -1.53 -32.25 9.47
N PRO A 80 -1.31 -32.97 8.36
CA PRO A 80 -2.38 -33.32 7.44
C PRO A 80 -3.58 -34.09 7.99
N ASP A 81 -3.42 -34.83 9.10
CA ASP A 81 -4.58 -35.58 9.63
C ASP A 81 -5.33 -34.72 10.65
N GLY A 82 -4.83 -33.51 10.96
CA GLY A 82 -5.42 -32.68 12.01
C GLY A 82 -6.44 -31.70 11.50
N VAL A 83 -6.81 -30.78 12.38
CA VAL A 83 -7.74 -29.73 12.00
C VAL A 83 -7.15 -29.00 10.79
N PHE A 84 -8.05 -28.48 9.95
CA PHE A 84 -7.64 -27.79 8.79
C PHE A 84 -7.62 -26.30 9.11
N MET A 85 -6.41 -25.80 9.36
CA MET A 85 -6.19 -24.38 9.66
C MET A 85 -7.19 -23.96 10.76
N SER A 86 -8.04 -22.98 10.52
CA SER A 86 -8.99 -22.45 11.57
C SER A 86 -10.41 -22.96 11.37
N PHE A 87 -10.62 -23.92 10.46
CA PHE A 87 -11.97 -24.31 9.97
C PHE A 87 -12.85 -24.93 11.08
N GLU A 88 -12.31 -25.24 12.27
CA GLU A 88 -13.10 -25.65 13.40
C GLU A 88 -14.14 -24.58 13.74
N GLY A 89 -13.87 -23.33 13.36
CA GLY A 89 -14.81 -22.25 13.58
C GLY A 89 -15.59 -21.83 12.35
N TYR A 90 -15.33 -22.45 11.19
CA TYR A 90 -16.09 -22.09 10.00
C TYR A 90 -17.51 -22.65 10.15
N ASN A 91 -18.47 -22.00 9.48
CA ASN A 91 -19.82 -22.42 9.42
C ASN A 91 -20.30 -22.22 7.99
N VAL A 92 -20.03 -23.22 7.17
CA VAL A 92 -20.35 -23.16 5.76
C VAL A 92 -21.88 -23.09 5.53
N GLU A 93 -22.70 -23.88 6.24
CA GLU A 93 -24.10 -24.02 5.86
C GLU A 93 -24.92 -22.74 6.12
N VAL A 94 -24.52 -21.85 7.04
CA VAL A 94 -25.31 -20.59 7.31
C VAL A 94 -24.98 -19.50 6.28
N ARG A 95 -23.87 -19.66 5.56
CA ARG A 95 -23.50 -18.71 4.52
C ARG A 95 -24.73 -18.62 3.60
N ASP A 96 -25.12 -17.39 3.28
CA ASP A 96 -26.38 -17.16 2.53
C ASP A 96 -26.18 -17.48 1.04
N ARG A 97 -24.94 -17.64 0.61
CA ARG A 97 -24.69 -18.06 -0.75
C ARG A 97 -24.78 -19.60 -0.88
N VAL A 98 -25.03 -20.31 0.22
CA VAL A 98 -25.38 -21.71 0.15
C VAL A 98 -26.92 -21.83 0.06
N LYS A 99 -27.43 -22.21 -1.11
CA LYS A 99 -28.89 -22.27 -1.27
C LYS A 99 -29.48 -23.35 -0.37
N CYS A 100 -28.81 -24.51 -0.33
CA CYS A 100 -29.24 -25.59 0.54
C CYS A 100 -28.20 -26.70 0.49
N ILE A 101 -28.42 -27.70 1.34
CA ILE A 101 -27.69 -28.94 1.27
C ILE A 101 -28.46 -29.91 0.35
N SER A 102 -27.87 -30.23 -0.79
CA SER A 102 -28.40 -31.13 -1.78
C SER A 102 -28.99 -32.39 -1.11
N GLY A 103 -30.22 -32.75 -1.50
CA GLY A 103 -30.82 -34.00 -1.02
C GLY A 103 -30.11 -35.22 -1.57
N VAL A 104 -29.79 -35.20 -2.87
CA VAL A 104 -29.19 -36.36 -3.59
C VAL A 104 -27.73 -36.55 -3.14
N GLU A 105 -26.99 -35.44 -3.02
CA GLU A 105 -25.51 -35.44 -2.90
C GLU A 105 -25.04 -35.26 -1.45
N GLY A 106 -25.89 -34.66 -0.61
CA GLY A 106 -25.56 -34.37 0.79
C GLY A 106 -24.50 -33.29 0.96
N VAL A 107 -24.39 -32.36 0.00
CA VAL A 107 -23.39 -31.30 0.04
C VAL A 107 -24.01 -29.98 -0.39
N PRO A 108 -23.41 -28.84 0.00
CA PRO A 108 -23.90 -27.53 -0.39
C PRO A 108 -23.97 -27.27 -1.89
N LEU A 109 -24.89 -26.38 -2.27
CA LEU A 109 -25.06 -25.82 -3.60
C LEU A 109 -24.94 -24.31 -3.47
N SER A 110 -24.06 -23.70 -4.26
CA SER A 110 -23.75 -22.29 -4.19
C SER A 110 -24.59 -21.55 -5.23
N THR A 111 -24.85 -20.28 -4.93
CA THR A 111 -25.51 -19.34 -5.81
C THR A 111 -24.73 -18.03 -5.88
N GLN A 112 -23.48 -18.04 -5.44
CA GLN A 112 -22.68 -16.78 -5.35
C GLN A 112 -22.66 -16.05 -6.72
N TRP A 113 -22.44 -16.79 -7.81
CA TRP A 113 -22.28 -16.22 -9.15
C TRP A 113 -23.38 -16.71 -10.11
N GLY A 114 -24.53 -17.12 -9.56
CA GLY A 114 -25.71 -17.34 -10.37
C GLY A 114 -26.86 -17.91 -9.54
N PRO A 115 -28.08 -17.32 -9.68
CA PRO A 115 -29.24 -17.73 -8.86
C PRO A 115 -29.70 -19.16 -9.19
N GLN A 116 -29.27 -19.68 -10.35
CA GLN A 116 -29.67 -21.02 -10.82
C GLN A 116 -29.12 -22.10 -9.87
N GLY A 117 -27.98 -21.85 -9.20
CA GLY A 117 -27.32 -22.87 -8.37
C GLY A 117 -26.34 -23.74 -9.16
N TYR A 118 -25.31 -24.22 -8.45
CA TYR A 118 -24.24 -25.01 -8.99
C TYR A 118 -23.41 -25.55 -7.82
N PHE A 119 -22.81 -26.73 -8.02
CA PHE A 119 -21.87 -27.34 -7.09
C PHE A 119 -20.52 -26.64 -7.24
N TYR A 120 -20.12 -25.85 -6.24
CA TYR A 120 -18.79 -25.21 -6.17
C TYR A 120 -17.86 -26.11 -5.37
N PRO A 121 -16.91 -26.78 -6.02
CA PRO A 121 -16.00 -27.67 -5.32
C PRO A 121 -15.29 -27.06 -4.09
N ILE A 122 -14.98 -25.77 -4.13
CA ILE A 122 -14.34 -25.12 -2.98
C ILE A 122 -15.28 -25.18 -1.78
N GLN A 123 -16.52 -24.78 -1.99
CA GLN A 123 -17.53 -24.72 -0.93
C GLN A 123 -17.75 -26.13 -0.38
N ILE A 124 -17.73 -27.14 -1.25
CA ILE A 124 -18.01 -28.54 -0.87
C ILE A 124 -16.85 -29.05 -0.02
N ALA A 125 -15.63 -28.73 -0.45
CA ALA A 125 -14.45 -29.12 0.32
C ALA A 125 -14.42 -28.44 1.67
N GLN A 126 -14.78 -27.16 1.73
CA GLN A 126 -14.81 -26.42 3.03
C GLN A 126 -15.87 -27.05 3.94
N TYR A 127 -17.00 -27.46 3.36
CA TYR A 127 -18.04 -28.13 4.11
C TYR A 127 -17.42 -29.34 4.79
N GLY A 128 -16.64 -30.10 4.01
CA GLY A 128 -16.04 -31.33 4.54
C GLY A 128 -14.95 -31.04 5.56
N LEU A 129 -14.05 -30.12 5.23
CA LEU A 129 -12.93 -29.82 6.10
C LEU A 129 -13.41 -29.18 7.42
N SER A 130 -14.45 -28.35 7.39
CA SER A 130 -14.93 -27.73 8.68
C SER A 130 -15.53 -28.82 9.57
N HIS A 131 -16.34 -29.70 8.98
CA HIS A 131 -16.94 -30.77 9.76
C HIS A 131 -15.85 -31.74 10.23
N TYR A 132 -14.83 -32.00 9.39
CA TYR A 132 -13.71 -32.84 9.82
C TYR A 132 -13.10 -32.22 11.06
N SER A 133 -12.92 -30.90 11.04
CA SER A 133 -12.18 -30.21 12.08
C SER A 133 -13.02 -30.19 13.36
N LYS A 134 -14.31 -29.96 13.23
CA LYS A 134 -15.18 -29.96 14.41
C LYS A 134 -15.32 -31.35 15.02
N ASN A 135 -15.14 -32.43 14.23
CA ASN A 135 -15.13 -33.78 14.78
C ASN A 135 -14.00 -33.96 15.79
N LEU A 136 -12.85 -33.28 15.56
CA LEU A 136 -11.66 -33.37 16.43
C LEU A 136 -11.76 -32.40 17.61
N THR A 137 -12.57 -31.35 17.53
CA THR A 137 -12.52 -30.34 18.59
C THR A 137 -13.78 -30.32 19.47
N GLU A 138 -14.94 -30.72 18.97
CA GLU A 138 -16.21 -30.59 19.71
C GLU A 138 -16.40 -31.79 20.62
N LYS A 139 -17.29 -31.68 21.61
CA LYS A 139 -17.58 -32.84 22.48
C LYS A 139 -18.43 -33.87 21.69
N PRO A 140 -18.30 -35.18 21.96
CA PRO A 140 -19.07 -36.17 21.21
C PRO A 140 -20.56 -35.90 21.35
N PRO A 141 -21.37 -36.12 20.30
CA PRO A 141 -22.79 -35.83 20.37
C PRO A 141 -23.60 -36.83 21.21
N HIS A 142 -24.71 -36.37 21.76
CA HIS A 142 -25.76 -37.26 22.19
C HIS A 142 -26.39 -37.91 20.95
N ILE A 143 -26.67 -39.21 21.02
CA ILE A 143 -27.32 -39.97 19.95
C ILE A 143 -28.51 -40.72 20.55
N GLU A 144 -29.74 -40.29 20.25
CA GLU A 144 -30.93 -41.02 20.67
C GLU A 144 -31.36 -41.96 19.55
N VAL A 145 -31.67 -43.21 19.92
CA VAL A 145 -32.00 -44.27 18.95
C VAL A 145 -33.47 -44.62 19.12
N TYR A 146 -34.26 -44.48 18.06
CA TYR A 146 -35.68 -44.65 18.12
C TYR A 146 -36.13 -45.96 17.45
N GLU A 147 -35.32 -46.56 16.58
CA GLU A 147 -35.82 -47.72 15.84
C GLU A 147 -34.68 -48.55 15.24
N THR A 148 -34.51 -49.78 15.76
CA THR A 148 -33.50 -50.73 15.28
C THR A 148 -34.15 -51.97 14.66
N ALA A 149 -35.41 -52.22 14.99
CA ALA A 149 -36.22 -53.35 14.51
C ALA A 149 -35.74 -54.69 15.09
N GLU A 150 -34.93 -54.64 16.15
CA GLU A 150 -34.23 -55.82 16.70
C GLU A 150 -35.12 -56.48 17.78
N ASP A 151 -34.51 -57.28 18.68
CA ASP A 151 -35.21 -57.84 19.88
C ASP A 151 -35.00 -56.91 21.09
N ARG A 152 -33.98 -56.04 21.04
CA ARG A 152 -33.83 -54.93 22.00
C ARG A 152 -34.74 -53.78 21.52
N ASN A 158 -42.00 -46.28 22.06
CA ASN A 158 -42.02 -44.97 21.38
C ASN A 158 -42.73 -45.16 20.03
N ASP A 159 -43.94 -45.75 20.07
CA ASP A 159 -44.44 -46.67 19.01
C ASP A 159 -44.84 -45.90 17.73
N TRP A 160 -45.36 -46.70 16.78
CA TRP A 160 -45.72 -46.31 15.43
C TRP A 160 -47.24 -46.20 15.34
N THR A 161 -47.75 -45.33 14.47
CA THR A 161 -49.15 -45.27 14.08
C THR A 161 -49.26 -45.83 12.65
N VAL A 162 -50.16 -46.80 12.47
CA VAL A 162 -50.40 -47.46 11.21
C VAL A 162 -51.87 -47.31 10.87
N PRO A 163 -52.28 -46.30 10.07
CA PRO A 163 -53.68 -46.13 9.68
C PRO A 163 -54.14 -47.29 8.79
N LYS A 164 -55.45 -47.60 8.84
CA LYS A 164 -56.07 -48.62 7.99
C LYS A 164 -55.76 -48.23 6.53
N GLY A 165 -55.39 -49.24 5.74
CA GLY A 165 -54.81 -49.04 4.41
C GLY A 165 -53.30 -49.21 4.40
N CYS A 166 -52.66 -49.29 5.58
CA CYS A 166 -51.19 -49.32 5.73
C CYS A 166 -50.74 -50.57 6.50
N PHE A 167 -49.42 -50.77 6.61
CA PHE A 167 -48.89 -52.01 7.17
C PHE A 167 -47.42 -51.83 7.55
N MET A 168 -47.01 -52.52 8.62
CA MET A 168 -45.60 -52.49 9.07
C MET A 168 -45.23 -53.81 9.74
N ALA A 169 -43.98 -54.26 9.55
CA ALA A 169 -43.44 -55.48 10.17
C ALA A 169 -41.92 -55.37 10.35
N ASN A 170 -41.39 -56.19 11.27
CA ASN A 170 -39.95 -56.42 11.39
C ASN A 170 -39.57 -57.55 10.44
N VAL A 171 -38.68 -57.29 9.47
CA VAL A 171 -38.23 -58.33 8.56
C VAL A 171 -36.69 -58.36 8.53
N ALA A 172 -36.13 -59.57 8.50
CA ALA A 172 -34.70 -59.75 8.29
C ALA A 172 -34.32 -59.30 6.87
N ASP A 173 -33.07 -58.84 6.74
CA ASP A 173 -32.42 -58.44 5.49
C ASP A 173 -31.02 -59.07 5.52
N LYS A 174 -30.84 -60.24 4.90
CA LYS A 174 -29.57 -60.95 4.97
C LYS A 174 -28.47 -60.12 4.29
N SER A 175 -28.79 -59.39 3.21
CA SER A 175 -27.76 -58.55 2.52
C SER A 175 -27.06 -57.60 3.51
N ARG A 176 -27.70 -57.24 4.64
CA ARG A 176 -27.15 -56.25 5.59
C ARG A 176 -27.31 -56.66 7.07
N PHE A 177 -27.53 -57.97 7.36
CA PHE A 177 -27.26 -58.66 8.66
C PHE A 177 -27.97 -57.97 9.84
N THR A 178 -29.25 -57.67 9.66
CA THR A 178 -29.99 -56.95 10.68
C THR A 178 -31.47 -57.17 10.38
N ASN A 179 -32.30 -56.78 11.35
CA ASN A 179 -33.70 -56.61 11.12
C ASN A 179 -33.95 -55.13 10.77
N VAL A 180 -35.08 -54.96 10.09
CA VAL A 180 -35.42 -53.81 9.29
C VAL A 180 -36.93 -53.63 9.37
N LYS A 181 -37.41 -52.39 9.34
CA LYS A 181 -38.82 -52.10 9.37
C LYS A 181 -39.38 -51.93 7.96
N GLN A 182 -40.20 -52.89 7.52
CA GLN A 182 -40.95 -52.74 6.30
C GLN A 182 -42.16 -51.82 6.55
N PHE A 183 -42.49 -50.98 5.57
CA PHE A 183 -43.66 -50.15 5.62
C PHE A 183 -44.29 -50.16 4.23
N ILE A 184 -45.62 -50.26 4.18
CA ILE A 184 -46.39 -49.96 2.96
C ILE A 184 -47.48 -48.98 3.37
N ALA A 185 -47.58 -47.89 2.60
CA ALA A 185 -48.52 -46.80 2.80
C ALA A 185 -48.83 -46.19 1.45
N PRO A 186 -50.09 -46.13 1.00
CA PRO A 186 -50.41 -45.35 -0.19
C PRO A 186 -50.02 -43.87 0.01
N GLU A 187 -49.73 -43.20 -1.11
CA GLU A 187 -49.29 -41.80 -1.17
C GLU A 187 -50.50 -40.84 -1.01
N THR A 188 -51.68 -41.43 -0.83
CA THR A 188 -52.96 -40.76 -0.66
C THR A 188 -53.46 -40.94 0.80
N SER A 189 -52.67 -41.60 1.67
CA SER A 189 -52.99 -41.82 3.10
C SER A 189 -52.16 -40.84 3.95
N GLU A 190 -52.39 -40.88 5.27
CA GLU A 190 -51.65 -40.14 6.32
C GLU A 190 -50.17 -40.58 6.40
N GLY A 191 -49.88 -41.79 5.92
CA GLY A 191 -48.61 -42.45 6.10
C GLY A 191 -48.48 -43.08 7.48
N VAL A 192 -47.40 -43.82 7.65
CA VAL A 192 -47.02 -44.43 8.94
C VAL A 192 -46.09 -43.47 9.66
N SER A 193 -46.26 -43.36 10.98
CA SER A 193 -45.71 -42.25 11.74
C SER A 193 -45.11 -42.79 13.04
N LEU A 194 -43.89 -42.37 13.33
CA LEU A 194 -43.13 -42.73 14.52
C LEU A 194 -42.98 -41.46 15.36
N GLN A 195 -43.43 -41.52 16.61
CA GLN A 195 -43.32 -40.39 17.53
C GLN A 195 -41.86 -40.33 18.02
N LEU A 196 -41.26 -39.14 17.85
CA LEU A 196 -39.86 -38.84 18.19
C LEU A 196 -39.81 -37.98 19.47
N GLY A 197 -40.16 -36.71 19.40
CA GLY A 197 -40.33 -35.85 20.59
C GLY A 197 -39.03 -35.28 21.16
N ASN A 198 -37.98 -35.06 20.34
CA ASN A 198 -36.64 -34.58 20.80
C ASN A 198 -36.63 -33.05 20.82
N THR A 199 -36.13 -32.50 21.92
CA THR A 199 -36.13 -31.09 22.34
C THR A 199 -34.77 -30.46 22.15
N LYS A 200 -33.72 -31.29 22.12
CA LYS A 200 -32.34 -30.85 22.36
C LYS A 200 -31.47 -30.99 21.10
N ASP A 201 -31.77 -31.94 20.21
CA ASP A 201 -30.87 -32.32 19.10
C ASP A 201 -31.66 -32.41 17.80
N PHE A 202 -31.02 -32.07 16.68
CA PHE A 202 -31.75 -31.79 15.42
C PHE A 202 -31.15 -32.48 14.18
N ILE A 203 -30.24 -33.44 14.36
CA ILE A 203 -29.66 -34.15 13.22
C ILE A 203 -30.32 -35.53 13.14
N ILE A 204 -31.13 -35.75 12.10
CA ILE A 204 -31.89 -36.95 11.98
C ILE A 204 -31.17 -37.84 10.99
N SER A 205 -31.20 -39.13 11.31
CA SER A 205 -30.50 -40.12 10.55
C SER A 205 -31.35 -41.39 10.46
N PHE A 206 -31.33 -42.03 9.29
CA PHE A 206 -32.04 -43.31 9.11
C PHE A 206 -31.51 -44.01 7.86
N ASP A 207 -31.43 -45.34 7.92
CA ASP A 207 -31.17 -46.18 6.78
C ASP A 207 -32.48 -46.35 6.01
N LEU A 208 -32.44 -46.20 4.71
CA LEU A 208 -33.61 -46.20 3.85
C LEU A 208 -33.39 -47.08 2.61
N LYS A 209 -34.47 -47.77 2.20
CA LYS A 209 -34.56 -48.44 0.91
C LYS A 209 -36.02 -48.42 0.45
N PHE A 210 -36.31 -47.68 -0.63
CA PHE A 210 -37.63 -47.71 -1.24
C PHE A 210 -37.72 -48.87 -2.24
N LEU A 211 -38.89 -49.50 -2.31
CA LEU A 211 -39.23 -50.41 -3.38
C LEU A 211 -39.97 -49.67 -4.48
N THR A 212 -40.75 -48.66 -4.10
CA THR A 212 -41.50 -47.80 -5.02
C THR A 212 -41.11 -46.34 -4.75
N ASN A 213 -41.72 -45.35 -5.43
CA ASN A 213 -41.65 -43.94 -5.03
C ASN A 213 -42.11 -43.79 -3.59
N GLY A 214 -41.65 -42.75 -2.90
CA GLY A 214 -42.22 -42.38 -1.65
C GLY A 214 -41.56 -41.13 -1.08
N SER A 215 -41.72 -40.99 0.25
CA SER A 215 -41.23 -39.90 0.98
C SER A 215 -41.04 -40.31 2.46
N VAL A 216 -40.04 -39.69 3.09
CA VAL A 216 -39.86 -39.74 4.51
C VAL A 216 -39.86 -38.28 4.96
N SER A 217 -40.79 -37.95 5.86
CA SER A 217 -41.04 -36.56 6.26
C SER A 217 -40.88 -36.38 7.77
N VAL A 218 -40.44 -35.18 8.18
CA VAL A 218 -40.24 -34.87 9.57
C VAL A 218 -41.03 -33.62 9.93
N VAL A 219 -41.87 -33.75 10.96
CA VAL A 219 -42.66 -32.64 11.53
C VAL A 219 -41.82 -31.96 12.61
N LEU A 220 -41.76 -30.63 12.54
CA LEU A 220 -41.04 -29.80 13.51
C LEU A 220 -42.03 -28.86 14.19
N GLU A 221 -41.93 -28.76 15.51
CA GLU A 221 -42.44 -27.60 16.24
C GLU A 221 -41.38 -26.49 16.14
N THR A 222 -41.81 -25.25 15.88
CA THR A 222 -40.88 -24.14 15.61
C THR A 222 -41.15 -22.96 16.56
N THR A 223 -40.25 -21.98 16.49
CA THR A 223 -40.24 -20.76 17.33
C THR A 223 -41.06 -19.64 16.69
N GLU A 224 -41.54 -19.84 15.46
CA GLU A 224 -42.47 -18.90 14.84
C GLU A 224 -43.90 -19.19 15.30
N LYS A 225 -44.24 -18.60 16.43
CA LYS A 225 -45.58 -18.71 17.03
C LYS A 225 -46.07 -20.17 17.15
N ASN A 226 -45.16 -21.05 17.59
CA ASN A 226 -45.47 -22.44 17.99
C ASN A 226 -46.03 -23.30 16.82
N GLN A 227 -45.80 -22.87 15.59
CA GLN A 227 -46.32 -23.49 14.40
C GLN A 227 -45.52 -24.76 14.05
N LEU A 228 -46.24 -25.73 13.46
CA LEU A 228 -45.64 -26.90 12.83
C LEU A 228 -45.30 -26.63 11.36
N PHE A 229 -44.08 -27.04 11.01
CA PHE A 229 -43.54 -27.10 9.66
C PHE A 229 -43.07 -28.53 9.41
N THR A 230 -43.17 -28.96 8.15
CA THR A 230 -42.88 -30.32 7.80
C THR A 230 -41.87 -30.30 6.66
N ILE A 231 -40.84 -31.13 6.83
CA ILE A 231 -39.87 -31.31 5.80
C ILE A 231 -40.04 -32.71 5.21
N HIS A 232 -40.29 -32.72 3.90
CA HIS A 232 -40.56 -33.91 3.11
C HIS A 232 -39.27 -34.25 2.36
N TYR A 233 -38.72 -35.45 2.59
CA TYR A 233 -37.60 -36.00 1.83
C TYR A 233 -38.18 -36.98 0.79
N VAL A 234 -38.33 -36.44 -0.43
CA VAL A 234 -39.13 -37.03 -1.49
C VAL A 234 -38.20 -37.79 -2.42
N SER A 235 -38.70 -38.89 -3.00
CA SER A 235 -37.87 -39.84 -3.84
C SER A 235 -37.70 -39.35 -5.29
N ASN A 236 -37.48 -38.04 -5.51
CA ASN A 236 -37.16 -37.47 -6.84
C ASN A 236 -35.85 -36.66 -6.75
N ALA A 237 -35.45 -36.03 -7.85
CA ALA A 237 -34.19 -35.24 -7.95
C ALA A 237 -34.47 -33.73 -7.95
N GLN A 238 -35.67 -33.32 -7.55
CA GLN A 238 -35.98 -31.91 -7.42
C GLN A 238 -35.19 -31.37 -6.21
N LEU A 239 -34.60 -30.17 -6.36
CA LEU A 239 -33.66 -29.64 -5.34
C LEU A 239 -34.41 -29.20 -4.08
N ILE A 240 -35.29 -28.19 -4.18
CA ILE A 240 -35.95 -27.63 -2.99
C ILE A 240 -37.20 -26.87 -3.41
N ALA A 241 -38.28 -27.01 -2.63
CA ALA A 241 -39.51 -26.17 -2.78
C ALA A 241 -40.04 -25.78 -1.40
N PHE A 242 -40.80 -24.69 -1.33
CA PHE A 242 -41.41 -24.26 -0.08
C PHE A 242 -42.78 -23.65 -0.39
N LYS A 243 -43.82 -24.16 0.29
CA LYS A 243 -45.19 -23.67 0.12
C LYS A 243 -45.83 -23.67 1.51
N GLU A 244 -46.26 -22.50 1.98
CA GLU A 244 -46.98 -22.38 3.26
C GLU A 244 -46.03 -22.85 4.36
N ARG A 245 -46.23 -24.08 4.89
CA ARG A 245 -45.39 -24.67 5.98
C ARG A 245 -44.84 -26.05 5.58
N ASP A 246 -44.73 -26.32 4.27
CA ASP A 246 -44.14 -27.54 3.76
C ASP A 246 -42.86 -27.19 2.97
N ILE A 247 -41.78 -27.90 3.32
CA ILE A 247 -40.50 -27.79 2.64
C ILE A 247 -40.23 -29.16 2.00
N TYR A 248 -39.72 -29.16 0.76
CA TYR A 248 -39.50 -30.41 0.02
C TYR A 248 -38.06 -30.48 -0.47
N TYR A 249 -37.37 -31.57 -0.11
CA TYR A 249 -36.04 -31.87 -0.62
C TYR A 249 -36.09 -33.20 -1.38
N GLY A 250 -35.70 -33.18 -2.66
CA GLY A 250 -35.52 -34.43 -3.41
C GLY A 250 -34.28 -35.17 -2.96
N ILE A 251 -34.40 -36.47 -2.62
CA ILE A 251 -33.24 -37.22 -2.14
C ILE A 251 -32.85 -38.32 -3.13
N GLY A 252 -33.48 -38.35 -4.31
CA GLY A 252 -33.19 -39.35 -5.35
C GLY A 252 -33.94 -40.65 -5.09
N PRO A 253 -33.79 -41.67 -5.96
CA PRO A 253 -34.60 -42.88 -5.86
C PRO A 253 -34.45 -43.67 -4.55
N ARG A 254 -33.22 -43.75 -4.04
CA ARG A 254 -32.83 -44.50 -2.80
C ARG A 254 -33.36 -45.93 -2.87
N THR A 255 -33.12 -46.60 -4.02
CA THR A 255 -33.62 -47.96 -4.27
C THR A 255 -32.66 -49.01 -3.71
N SER A 256 -31.42 -48.61 -3.44
CA SER A 256 -30.45 -49.39 -2.67
C SER A 256 -30.23 -48.74 -1.30
N TRP A 257 -29.92 -49.57 -0.31
CA TRP A 257 -29.62 -49.13 1.04
C TRP A 257 -28.69 -47.92 0.99
N SER A 258 -29.01 -46.90 1.78
CA SER A 258 -28.13 -45.78 2.05
C SER A 258 -28.54 -45.13 3.38
N THR A 259 -27.57 -44.52 4.07
CA THR A 259 -27.84 -43.76 5.28
C THR A 259 -28.16 -42.32 4.87
N VAL A 260 -29.36 -41.86 5.21
CA VAL A 260 -29.77 -40.50 5.01
C VAL A 260 -29.51 -39.77 6.32
N THR A 261 -28.75 -38.66 6.26
CA THR A 261 -28.42 -37.79 7.40
C THR A 261 -28.73 -36.33 7.01
N ARG A 262 -29.63 -35.66 7.77
CA ARG A 262 -30.04 -34.28 7.50
C ARG A 262 -29.97 -33.45 8.79
N ASP A 263 -29.52 -32.21 8.66
CA ASP A 263 -29.61 -31.21 9.70
C ASP A 263 -30.92 -30.44 9.54
N LEU A 264 -31.86 -30.72 10.44
CA LEU A 264 -33.18 -30.13 10.36
C LEU A 264 -33.13 -28.61 10.60
N VAL A 265 -32.19 -28.11 11.42
CA VAL A 265 -32.09 -26.63 11.62
C VAL A 265 -31.81 -26.00 10.25
N THR A 266 -30.77 -26.48 9.59
CA THR A 266 -30.37 -25.94 8.28
C THR A 266 -31.46 -26.22 7.23
N ASP A 267 -32.03 -27.43 7.22
CA ASP A 267 -33.02 -27.76 6.20
C ASP A 267 -34.26 -26.87 6.37
N LEU A 268 -34.64 -26.58 7.61
CA LEU A 268 -35.80 -25.68 7.89
C LEU A 268 -35.48 -24.24 7.43
N ARG A 269 -34.31 -23.72 7.83
CA ARG A 269 -33.93 -22.31 7.56
C ARG A 269 -33.77 -22.05 6.05
N LYS A 270 -33.17 -22.99 5.33
CA LYS A 270 -32.99 -22.88 3.90
C LYS A 270 -34.34 -22.96 3.18
N GLY A 271 -35.25 -23.81 3.66
CA GLY A 271 -36.60 -23.87 3.11
C GLY A 271 -37.32 -22.55 3.28
N VAL A 272 -37.47 -22.10 4.52
CA VAL A 272 -38.23 -20.90 4.81
C VAL A 272 -37.60 -19.67 4.13
N GLY A 273 -36.28 -19.69 3.96
CA GLY A 273 -35.60 -18.58 3.33
C GLY A 273 -35.47 -18.71 1.82
N LEU A 274 -36.17 -19.67 1.19
CA LEU A 274 -36.02 -19.88 -0.26
C LEU A 274 -36.29 -18.57 -1.03
N SER A 275 -35.48 -18.36 -2.06
CA SER A 275 -35.36 -17.09 -2.76
C SER A 275 -34.96 -17.38 -4.21
N ASN A 276 -35.46 -16.56 -5.13
CA ASN A 276 -35.08 -16.65 -6.55
C ASN A 276 -33.78 -15.84 -6.76
N THR A 277 -33.21 -15.26 -5.70
CA THR A 277 -31.98 -14.44 -5.79
C THR A 277 -30.78 -15.32 -5.44
N LYS A 278 -29.58 -14.70 -5.50
CA LYS A 278 -28.32 -15.33 -5.12
C LYS A 278 -28.11 -15.44 -3.61
N ALA A 279 -29.07 -14.95 -2.81
CA ALA A 279 -28.94 -14.98 -1.36
C ALA A 279 -30.23 -15.50 -0.72
N VAL A 280 -30.08 -16.44 0.21
CA VAL A 280 -31.17 -16.88 1.06
C VAL A 280 -31.63 -15.69 1.92
N LYS A 281 -32.95 -15.51 2.05
CA LYS A 281 -33.43 -14.44 2.94
C LYS A 281 -33.15 -14.86 4.38
N PRO A 282 -32.74 -13.91 5.24
CA PRO A 282 -32.48 -14.24 6.65
C PRO A 282 -33.82 -14.59 7.32
N THR A 283 -33.76 -15.50 8.30
CA THR A 283 -34.86 -15.93 9.10
C THR A 283 -34.36 -16.14 10.52
N LYS A 284 -35.25 -15.92 11.50
CA LYS A 284 -34.93 -16.25 12.89
C LYS A 284 -35.50 -17.62 13.30
N ILE A 285 -36.16 -18.33 12.37
CA ILE A 285 -36.90 -19.51 12.71
C ILE A 285 -35.91 -20.62 13.13
N MET A 286 -36.26 -21.29 14.23
CA MET A 286 -35.60 -22.48 14.72
C MET A 286 -36.65 -23.55 15.02
N PRO A 287 -36.24 -24.82 14.88
CA PRO A 287 -37.02 -25.94 15.38
C PRO A 287 -36.82 -26.05 16.89
N LYS A 288 -37.89 -26.28 17.65
CA LYS A 288 -37.73 -26.48 19.08
C LYS A 288 -38.09 -27.93 19.44
N LYS A 289 -38.63 -28.71 18.51
CA LYS A 289 -38.95 -30.10 18.78
C LYS A 289 -39.12 -30.88 17.47
N VAL A 290 -38.41 -32.01 17.38
CA VAL A 290 -38.64 -32.98 16.35
C VAL A 290 -39.81 -33.88 16.79
N VAL A 291 -40.98 -33.65 16.19
CA VAL A 291 -42.19 -34.24 16.62
C VAL A 291 -42.27 -35.69 16.17
N ARG A 292 -42.21 -35.90 14.85
CA ARG A 292 -42.50 -37.26 14.31
C ARG A 292 -41.95 -37.43 12.89
N LEU A 293 -41.76 -38.70 12.51
CA LEU A 293 -41.31 -39.06 11.21
C LEU A 293 -42.41 -39.86 10.48
N ILE A 294 -42.75 -39.46 9.26
CA ILE A 294 -43.85 -40.01 8.46
C ILE A 294 -43.29 -40.66 7.17
N ALA A 295 -43.53 -41.97 6.99
CA ALA A 295 -43.14 -42.75 5.78
C ALA A 295 -44.35 -43.02 4.87
N LYS A 296 -44.23 -42.69 3.59
CA LYS A 296 -45.19 -43.02 2.55
C LYS A 296 -44.51 -43.83 1.44
N GLY A 297 -45.34 -44.60 0.71
CA GLY A 297 -44.88 -45.56 -0.33
C GLY A 297 -44.55 -46.93 0.27
N LYS A 298 -43.90 -47.79 -0.51
CA LYS A 298 -43.44 -49.10 -0.08
C LYS A 298 -41.92 -49.04 0.15
N GLY A 299 -41.46 -49.48 1.32
CA GLY A 299 -40.03 -49.56 1.55
C GLY A 299 -39.68 -50.05 2.94
N PHE A 300 -38.42 -49.76 3.31
CA PHE A 300 -37.75 -50.28 4.47
C PHE A 300 -36.93 -49.16 5.12
N LEU A 301 -36.69 -49.28 6.42
CA LEU A 301 -36.27 -48.20 7.29
C LEU A 301 -35.53 -48.87 8.45
N ASP A 302 -34.40 -48.30 8.87
CA ASP A 302 -33.65 -48.88 9.97
C ASP A 302 -32.81 -47.78 10.64
N ASN A 303 -32.37 -48.06 11.87
CA ASN A 303 -31.43 -47.26 12.63
C ASN A 303 -31.86 -45.79 12.66
N ILE A 304 -33.11 -45.52 13.04
CA ILE A 304 -33.61 -44.14 13.08
C ILE A 304 -33.06 -43.48 14.35
N THR A 305 -32.48 -42.30 14.17
CA THR A 305 -31.57 -41.70 15.14
C THR A 305 -31.71 -40.17 15.12
N ILE A 306 -31.49 -39.52 16.26
CA ILE A 306 -31.36 -38.04 16.34
C ILE A 306 -30.14 -37.73 17.22
N SER A 307 -29.26 -36.88 16.70
CA SER A 307 -27.94 -36.63 17.29
C SER A 307 -27.64 -35.12 17.32
N THR A 308 -26.80 -34.72 18.25
CA THR A 308 -26.47 -33.32 18.39
C THR A 308 -25.78 -32.82 17.09
N THR A 309 -24.91 -33.68 16.55
CA THR A 309 -24.10 -33.42 15.36
C THR A 309 -23.84 -34.73 14.61
N ALA A 310 -23.40 -34.63 13.36
CA ALA A 310 -22.96 -35.77 12.59
C ALA A 310 -21.83 -35.31 11.63
N HIS A 311 -20.70 -35.00 12.25
CA HIS A 311 -19.60 -34.36 11.52
C HIS A 311 -19.03 -35.33 10.46
N MET A 312 -18.85 -36.59 10.82
CA MET A 312 -18.19 -37.48 9.89
C MET A 312 -19.02 -37.76 8.64
N ALA A 313 -20.35 -37.82 8.78
CA ALA A 313 -21.18 -38.13 7.64
C ALA A 313 -21.07 -36.98 6.63
N ALA A 314 -20.91 -35.76 7.15
CA ALA A 314 -20.72 -34.59 6.33
C ALA A 314 -19.36 -34.63 5.61
N PHE A 315 -18.31 -34.96 6.35
CA PHE A 315 -16.98 -35.06 5.80
C PHE A 315 -16.98 -36.08 4.65
N PHE A 316 -17.65 -37.22 4.82
CA PHE A 316 -17.62 -38.28 3.75
C PHE A 316 -18.60 -37.91 2.62
N ALA A 317 -19.65 -37.12 2.92
CA ALA A 317 -20.48 -36.69 1.80
C ALA A 317 -19.62 -35.83 0.85
N ALA A 318 -18.79 -34.97 1.42
CA ALA A 318 -17.92 -34.08 0.62
C ALA A 318 -16.87 -34.93 -0.12
N SER A 319 -16.26 -35.86 0.59
CA SER A 319 -15.17 -36.66 0.08
C SER A 319 -15.68 -37.53 -1.07
N ASP A 320 -16.86 -38.15 -0.88
CA ASP A 320 -17.44 -39.03 -1.86
C ASP A 320 -17.83 -38.19 -3.09
N TRP A 321 -18.40 -37.01 -2.85
CA TRP A 321 -18.78 -36.17 -3.96
C TRP A 321 -17.53 -35.83 -4.81
N LEU A 322 -16.39 -35.60 -4.16
CA LEU A 322 -15.19 -35.16 -4.87
C LEU A 322 -14.69 -36.32 -5.74
N VAL A 323 -14.65 -37.53 -5.19
CA VAL A 323 -14.24 -38.72 -5.95
C VAL A 323 -15.10 -38.86 -7.21
N ARG A 324 -16.42 -38.73 -7.06
CA ARG A 324 -17.36 -39.10 -8.09
C ARG A 324 -17.40 -38.00 -9.16
N ASN A 325 -16.91 -36.79 -8.88
CA ASN A 325 -17.16 -35.64 -9.77
C ASN A 325 -15.86 -35.11 -10.37
N GLN A 326 -14.71 -35.66 -9.96
CA GLN A 326 -13.42 -35.37 -10.58
C GLN A 326 -13.48 -35.77 -12.07
N ASP A 327 -12.88 -34.99 -12.96
CA ASP A 327 -12.81 -35.38 -14.38
C ASP A 327 -11.51 -36.15 -14.65
N GLU A 328 -11.38 -36.63 -15.88
CA GLU A 328 -10.25 -37.50 -16.25
C GLU A 328 -8.97 -36.67 -16.40
N LYS A 329 -9.04 -35.34 -16.45
CA LYS A 329 -7.83 -34.52 -16.36
C LYS A 329 -7.41 -34.34 -14.89
N GLY A 330 -8.21 -34.84 -13.93
CA GLY A 330 -7.91 -34.69 -12.49
C GLY A 330 -8.52 -33.42 -11.88
N GLY A 331 -9.34 -32.73 -12.66
CA GLY A 331 -9.90 -31.47 -12.23
C GLY A 331 -11.33 -31.59 -11.69
N TRP A 332 -11.77 -30.56 -10.96
CA TRP A 332 -13.17 -30.33 -10.62
C TRP A 332 -13.63 -29.10 -11.39
N PRO A 333 -14.29 -29.31 -12.55
CA PRO A 333 -14.66 -28.18 -13.38
C PRO A 333 -15.78 -27.39 -12.69
N ILE A 334 -15.65 -26.07 -12.72
CA ILE A 334 -16.58 -25.18 -12.10
C ILE A 334 -17.55 -24.68 -13.16
N MET A 335 -18.82 -25.07 -13.01
CA MET A 335 -19.82 -24.95 -14.06
C MET A 335 -20.64 -23.68 -13.82
N VAL A 336 -19.94 -22.55 -13.85
CA VAL A 336 -20.50 -21.26 -13.79
C VAL A 336 -19.50 -20.28 -14.42
N THR A 337 -20.03 -19.23 -15.03
CA THR A 337 -19.22 -18.16 -15.59
C THR A 337 -18.67 -17.36 -14.41
N ARG A 338 -17.38 -17.03 -14.49
CA ARG A 338 -16.71 -16.21 -13.50
C ARG A 338 -16.07 -14.98 -14.19
N LYS A 339 -16.56 -13.81 -13.82
CA LYS A 339 -16.08 -12.54 -14.34
C LYS A 339 -15.34 -11.85 -13.19
N LEU A 340 -14.00 -11.85 -13.22
CA LEU A 340 -13.24 -11.39 -12.05
C LEU A 340 -13.22 -9.86 -11.99
N GLY A 341 -13.37 -9.19 -13.13
CA GLY A 341 -13.40 -7.71 -13.18
C GLY A 341 -13.03 -7.17 -14.54
N GLU A 342 -13.39 -5.90 -14.78
CA GLU A 342 -12.93 -5.20 -15.97
C GLU A 342 -11.40 -5.38 -16.11
N GLY A 343 -11.03 -5.98 -17.24
CA GLY A 343 -9.66 -6.19 -17.63
C GLY A 343 -9.35 -7.65 -17.77
N PHE A 344 -10.04 -8.48 -17.00
CA PHE A 344 -9.86 -9.94 -17.08
C PHE A 344 -10.91 -10.54 -18.03
N LYS A 345 -10.48 -11.43 -18.89
CA LYS A 345 -11.37 -12.10 -19.78
C LYS A 345 -12.29 -12.96 -18.91
N SER A 346 -13.53 -13.13 -19.35
CA SER A 346 -14.48 -13.90 -18.57
C SER A 346 -14.14 -15.39 -18.71
N LEU A 347 -14.28 -16.16 -17.62
CA LEU A 347 -14.00 -17.61 -17.60
C LEU A 347 -15.29 -18.38 -17.87
N GLU A 348 -15.33 -19.09 -18.99
CA GLU A 348 -16.54 -19.82 -19.39
C GLU A 348 -16.69 -21.03 -18.48
N PRO A 349 -17.92 -21.54 -18.25
CA PRO A 349 -18.11 -22.69 -17.36
C PRO A 349 -17.17 -23.82 -17.78
N GLY A 350 -16.64 -24.53 -16.78
CA GLY A 350 -15.72 -25.63 -16.96
C GLY A 350 -14.31 -25.34 -16.45
N TRP A 351 -14.05 -24.11 -15.94
CA TRP A 351 -12.69 -23.71 -15.55
C TRP A 351 -12.29 -24.46 -14.27
N TYR A 352 -10.99 -24.64 -14.07
CA TYR A 352 -10.46 -25.20 -12.83
C TYR A 352 -9.91 -24.09 -11.93
N SER A 353 -9.80 -24.39 -10.64
CA SER A 353 -9.29 -23.46 -9.63
C SER A 353 -8.23 -24.17 -8.79
N ALA A 354 -7.06 -23.56 -8.64
CA ALA A 354 -6.04 -24.13 -7.78
C ALA A 354 -6.53 -24.19 -6.31
N MET A 355 -7.45 -23.31 -5.93
CA MET A 355 -7.94 -23.39 -4.56
C MET A 355 -8.81 -24.65 -4.44
N ALA A 356 -9.64 -24.91 -5.44
CA ALA A 356 -10.46 -26.11 -5.45
C ALA A 356 -9.58 -27.37 -5.42
N GLN A 357 -8.52 -27.39 -6.25
CA GLN A 357 -7.67 -28.59 -6.35
C GLN A 357 -7.04 -28.83 -4.97
N GLY A 358 -6.51 -27.75 -4.37
CA GLY A 358 -5.82 -27.86 -3.08
C GLY A 358 -6.75 -28.31 -1.96
N GLN A 359 -7.91 -27.66 -1.87
CA GLN A 359 -8.88 -27.94 -0.83
C GLN A 359 -9.43 -29.36 -0.99
N ALA A 360 -9.74 -29.74 -2.22
CA ALA A 360 -10.15 -31.13 -2.53
C ALA A 360 -9.08 -32.10 -2.01
N ILE A 361 -7.82 -31.78 -2.30
CA ILE A 361 -6.71 -32.69 -1.97
C ILE A 361 -6.66 -32.85 -0.45
N SER A 362 -6.70 -31.73 0.28
CA SER A 362 -6.70 -31.74 1.74
C SER A 362 -7.85 -32.62 2.27
N THR A 363 -9.01 -32.54 1.63
CA THR A 363 -10.16 -33.33 2.02
C THR A 363 -9.88 -34.82 1.76
N LEU A 364 -9.45 -35.14 0.54
CA LEU A 364 -9.29 -36.54 0.11
C LEU A 364 -8.16 -37.21 0.91
N VAL A 365 -7.12 -36.44 1.27
CA VAL A 365 -6.01 -36.98 1.99
C VAL A 365 -6.48 -37.42 3.37
N ARG A 366 -7.27 -36.57 4.02
CA ARG A 366 -7.82 -36.92 5.29
C ARG A 366 -8.76 -38.13 5.14
N ALA A 367 -9.56 -38.20 4.09
CA ALA A 367 -10.44 -39.37 3.92
C ALA A 367 -9.58 -40.63 3.80
N TYR A 368 -8.44 -40.50 3.11
CA TYR A 368 -7.57 -41.62 2.91
C TYR A 368 -6.95 -42.04 4.23
N LEU A 369 -6.44 -41.09 5.02
CA LEU A 369 -5.77 -41.46 6.27
C LEU A 369 -6.74 -42.17 7.24
N LEU A 370 -8.00 -41.74 7.27
CA LEU A 370 -9.03 -42.35 8.13
C LEU A 370 -9.31 -43.81 7.71
N THR A 371 -9.50 -44.05 6.40
CA THR A 371 -10.11 -45.27 5.88
C THR A 371 -9.07 -46.23 5.30
N LYS A 372 -7.90 -45.71 4.92
CA LYS A 372 -6.88 -46.48 4.16
C LYS A 372 -7.46 -46.93 2.81
N ASP A 373 -8.54 -46.29 2.33
CA ASP A 373 -9.16 -46.64 1.11
C ASP A 373 -8.45 -45.85 -0.01
N HIS A 374 -7.70 -46.60 -0.83
CA HIS A 374 -6.80 -46.05 -1.81
C HIS A 374 -7.53 -45.29 -2.94
N ILE A 375 -8.86 -45.44 -3.07
CA ILE A 375 -9.62 -44.61 -4.05
C ILE A 375 -9.45 -43.12 -3.72
N PHE A 376 -9.36 -42.80 -2.42
CA PHE A 376 -9.20 -41.40 -1.95
C PHE A 376 -7.83 -40.88 -2.35
N LEU A 377 -6.81 -41.69 -2.09
CA LEU A 377 -5.46 -41.26 -2.36
C LEU A 377 -5.24 -41.12 -3.87
N ASN A 378 -5.86 -42.03 -4.64
CA ASN A 378 -5.76 -42.01 -6.10
C ASN A 378 -6.39 -40.72 -6.65
N SER A 379 -7.51 -40.31 -6.06
CA SER A 379 -8.18 -39.08 -6.49
C SER A 379 -7.28 -37.88 -6.20
N ALA A 380 -6.66 -37.88 -5.00
CA ALA A 380 -5.77 -36.82 -4.59
C ALA A 380 -4.58 -36.74 -5.56
N LEU A 381 -3.96 -37.88 -5.90
CA LEU A 381 -2.77 -37.89 -6.73
C LEU A 381 -3.06 -37.35 -8.14
N ARG A 382 -4.22 -37.73 -8.68
CA ARG A 382 -4.65 -37.22 -9.98
C ARG A 382 -4.82 -35.70 -9.94
N ALA A 383 -5.19 -35.13 -8.78
CA ALA A 383 -5.61 -33.73 -8.68
C ALA A 383 -4.42 -32.78 -8.86
N THR A 384 -3.18 -33.27 -8.83
CA THR A 384 -2.05 -32.34 -9.10
C THR A 384 -1.92 -31.98 -10.59
N ALA A 385 -2.54 -32.73 -11.51
CA ALA A 385 -2.24 -32.53 -12.95
C ALA A 385 -2.48 -31.08 -13.41
N PRO A 386 -3.62 -30.44 -13.09
CA PRO A 386 -3.87 -29.08 -13.55
C PRO A 386 -2.84 -28.05 -13.10
N TYR A 387 -2.11 -28.32 -12.01
CA TYR A 387 -1.03 -27.44 -11.54
C TYR A 387 0.11 -27.37 -12.56
N LYS A 388 0.18 -28.34 -13.49
CA LYS A 388 1.31 -28.46 -14.41
C LYS A 388 1.05 -27.71 -15.71
N PHE A 389 -0.19 -27.29 -15.99
CA PHE A 389 -0.55 -26.67 -17.26
C PHE A 389 -0.99 -25.22 -17.03
N LEU A 390 -0.62 -24.36 -17.98
CA LEU A 390 -0.92 -22.95 -17.89
C LEU A 390 -2.43 -22.79 -18.00
N SER A 391 -2.90 -21.62 -17.59
CA SER A 391 -4.31 -21.30 -17.60
C SER A 391 -4.91 -21.45 -18.98
N GLU A 392 -4.20 -21.00 -20.03
CA GLU A 392 -4.73 -21.03 -21.41
C GLU A 392 -4.71 -22.45 -22.00
N GLN A 393 -4.07 -23.42 -21.35
CA GLN A 393 -4.18 -24.85 -21.72
C GLN A 393 -5.07 -25.62 -20.72
N HIS A 394 -6.02 -24.93 -20.05
CA HIS A 394 -7.02 -25.50 -19.16
C HIS A 394 -6.37 -26.10 -17.90
N GLY A 395 -5.26 -25.49 -17.48
CA GLY A 395 -4.69 -25.74 -16.15
C GLY A 395 -4.89 -24.55 -15.22
N VAL A 396 -4.08 -24.48 -14.16
CA VAL A 396 -4.17 -23.42 -13.18
C VAL A 396 -2.82 -22.74 -12.95
N LYS A 397 -1.82 -23.02 -13.76
CA LYS A 397 -0.50 -22.45 -13.55
C LYS A 397 -0.39 -21.13 -14.28
N ALA A 398 0.26 -20.18 -13.61
CA ALA A 398 0.60 -18.88 -14.14
C ALA A 398 2.07 -18.63 -13.75
N VAL A 399 2.73 -17.76 -14.52
CA VAL A 399 4.09 -17.46 -14.26
C VAL A 399 4.20 -15.94 -14.11
N PHE A 400 4.71 -15.49 -12.97
CA PHE A 400 4.89 -14.07 -12.71
C PHE A 400 6.20 -13.60 -13.34
N MET A 401 6.07 -12.72 -14.33
CA MET A 401 7.22 -12.05 -14.95
C MET A 401 8.25 -13.07 -15.43
N ASN A 402 7.81 -14.15 -16.08
CA ASN A 402 8.69 -15.11 -16.65
C ASN A 402 9.65 -15.71 -15.62
N LYS A 403 9.30 -15.69 -14.33
CA LYS A 403 10.23 -16.13 -13.29
C LYS A 403 9.58 -17.01 -12.18
N HIS A 404 8.41 -16.69 -11.63
CA HIS A 404 7.89 -17.43 -10.50
C HIS A 404 6.59 -18.19 -10.84
N ASP A 405 6.63 -19.52 -10.74
CA ASP A 405 5.41 -20.34 -10.87
C ASP A 405 4.41 -19.96 -9.78
N TRP A 406 3.14 -19.96 -10.18
CA TRP A 406 2.03 -19.70 -9.33
C TRP A 406 0.84 -20.57 -9.73
N TYR A 407 -0.04 -20.84 -8.78
CA TYR A 407 -1.22 -21.67 -8.97
C TYR A 407 -2.45 -20.80 -8.65
N GLU A 408 -3.28 -20.55 -9.68
CA GLU A 408 -4.29 -19.52 -9.79
C GLU A 408 -5.64 -20.01 -9.28
N GLU A 409 -6.16 -19.31 -8.27
CA GLU A 409 -7.48 -19.44 -7.79
C GLU A 409 -8.46 -19.27 -8.94
N TYR A 410 -8.23 -18.22 -9.74
CA TYR A 410 -8.97 -17.86 -10.93
C TYR A 410 -8.00 -17.82 -12.09
N PRO A 411 -7.99 -18.82 -12.98
CA PRO A 411 -6.99 -18.90 -14.07
C PRO A 411 -7.32 -17.97 -15.25
N THR A 412 -7.23 -16.67 -14.96
CA THR A 412 -7.61 -15.59 -15.82
C THR A 412 -6.52 -15.28 -16.83
N THR A 413 -6.95 -14.58 -17.89
CA THR A 413 -6.09 -13.90 -18.79
C THR A 413 -6.45 -12.41 -18.77
N PRO A 414 -5.46 -11.55 -18.51
CA PRO A 414 -4.21 -11.86 -17.86
C PRO A 414 -4.32 -12.56 -16.48
N SER A 415 -3.19 -13.06 -16.01
CA SER A 415 -3.09 -13.73 -14.74
C SER A 415 -3.46 -12.76 -13.62
N SER A 416 -3.96 -13.30 -12.50
CA SER A 416 -4.60 -12.51 -11.46
C SER A 416 -3.79 -12.57 -10.15
N PHE A 417 -3.23 -13.74 -9.83
CA PHE A 417 -2.35 -13.94 -8.69
C PHE A 417 -3.01 -13.61 -7.33
N VAL A 418 -4.20 -14.19 -7.10
CA VAL A 418 -4.89 -14.10 -5.83
C VAL A 418 -4.08 -14.84 -4.78
N LEU A 419 -3.80 -14.16 -3.66
CA LEU A 419 -2.88 -14.70 -2.66
C LEU A 419 -3.48 -15.89 -1.93
N ASN A 420 -4.68 -15.76 -1.36
CA ASN A 420 -5.14 -16.75 -0.40
C ASN A 420 -5.40 -18.10 -1.08
N GLY A 421 -5.95 -18.08 -2.26
CA GLY A 421 -6.18 -19.28 -3.06
C GLY A 421 -4.91 -20.06 -3.34
N PHE A 422 -3.81 -19.30 -3.53
CA PHE A 422 -2.54 -19.88 -3.85
C PHE A 422 -2.07 -20.61 -2.63
N MET A 423 -2.16 -19.93 -1.49
CA MET A 423 -1.68 -20.57 -0.28
C MET A 423 -2.51 -21.85 -0.01
N TYR A 424 -3.82 -21.83 -0.31
CA TYR A 424 -4.62 -23.05 -0.09
C TYR A 424 -4.14 -24.16 -1.05
N SER A 425 -3.73 -23.77 -2.26
CA SER A 425 -3.26 -24.71 -3.28
C SER A 425 -2.00 -25.39 -2.76
N LEU A 426 -1.19 -24.66 -1.96
CA LEU A 426 0.08 -25.18 -1.46
C LEU A 426 -0.15 -26.11 -0.27
N ILE A 427 -1.13 -25.78 0.60
CA ILE A 427 -1.36 -26.63 1.74
C ILE A 427 -1.87 -28.00 1.22
N GLY A 428 -2.64 -28.02 0.14
CA GLY A 428 -3.05 -29.29 -0.44
C GLY A 428 -1.86 -30.12 -0.90
N LEU A 429 -0.93 -29.50 -1.62
CA LEU A 429 0.23 -30.20 -2.12
C LEU A 429 1.02 -30.75 -0.94
N TYR A 430 1.13 -29.95 0.13
CA TYR A 430 1.80 -30.39 1.33
C TYR A 430 1.13 -31.64 1.90
N ASP A 431 -0.20 -31.57 2.08
CA ASP A 431 -0.97 -32.70 2.60
C ASP A 431 -0.65 -33.97 1.78
N LEU A 432 -0.61 -33.83 0.46
CA LEU A 432 -0.48 -34.95 -0.44
C LEU A 432 0.94 -35.49 -0.39
N LYS A 433 1.94 -34.59 -0.41
CA LYS A 433 3.33 -35.07 -0.51
C LYS A 433 3.68 -35.77 0.79
N GLU A 434 3.11 -35.32 1.93
CA GLU A 434 3.44 -35.96 3.19
C GLU A 434 2.70 -37.30 3.33
N THR A 435 1.66 -37.53 2.53
CA THR A 435 0.84 -38.67 2.73
C THR A 435 1.15 -39.75 1.68
N ALA A 436 1.50 -39.36 0.46
CA ALA A 436 1.70 -40.32 -0.60
C ALA A 436 3.03 -41.07 -0.44
N GLY A 437 3.99 -40.54 0.33
CA GLY A 437 5.32 -41.17 0.41
C GLY A 437 6.25 -40.68 -0.70
N GLU A 438 7.51 -41.10 -0.61
CA GLU A 438 8.61 -40.58 -1.45
C GLU A 438 8.27 -40.75 -2.93
N LYS A 439 7.95 -41.96 -3.37
CA LYS A 439 7.81 -42.24 -4.80
C LYS A 439 6.55 -41.56 -5.34
N LEU A 440 5.40 -41.86 -4.74
CA LEU A 440 4.12 -41.38 -5.28
C LEU A 440 4.02 -39.85 -5.08
N GLY A 441 4.71 -39.30 -4.08
CA GLY A 441 4.58 -37.90 -3.74
C GLY A 441 5.40 -36.98 -4.61
N LYS A 442 6.23 -37.52 -5.51
CA LYS A 442 7.31 -36.75 -6.12
C LYS A 442 6.79 -35.45 -6.79
N GLU A 443 5.76 -35.58 -7.62
CA GLU A 443 5.21 -34.47 -8.37
C GLU A 443 4.63 -33.39 -7.42
N ALA A 444 3.91 -33.81 -6.38
CA ALA A 444 3.39 -32.89 -5.45
C ALA A 444 4.53 -32.17 -4.70
N ARG A 445 5.64 -32.89 -4.46
CA ARG A 445 6.78 -32.38 -3.69
C ARG A 445 7.37 -31.24 -4.52
N SER A 446 7.44 -31.48 -5.81
CA SER A 446 8.11 -30.62 -6.71
C SER A 446 7.28 -29.34 -6.94
N LEU A 447 5.97 -29.49 -7.11
CA LEU A 447 5.05 -28.37 -7.27
C LEU A 447 5.01 -27.52 -5.98
N TYR A 448 5.12 -28.16 -4.83
CA TYR A 448 5.07 -27.45 -3.54
C TYR A 448 6.35 -26.60 -3.40
N GLU A 449 7.48 -27.20 -3.74
CA GLU A 449 8.76 -26.59 -3.52
C GLU A 449 8.86 -25.35 -4.41
N ARG A 450 8.45 -25.48 -5.67
CA ARG A 450 8.47 -24.37 -6.59
C ARG A 450 7.50 -23.26 -6.14
N GLY A 451 6.30 -23.65 -5.68
CA GLY A 451 5.36 -22.74 -5.13
C GLY A 451 5.85 -21.93 -3.93
N MET A 452 6.50 -22.59 -2.96
CA MET A 452 6.93 -21.95 -1.73
C MET A 452 8.05 -20.93 -2.02
N GLU A 453 8.86 -21.21 -3.04
CA GLU A 453 9.85 -20.24 -3.49
C GLU A 453 9.14 -19.01 -4.06
N SER A 454 8.09 -19.22 -4.84
CA SER A 454 7.36 -18.12 -5.44
C SER A 454 6.72 -17.27 -4.34
N LEU A 455 6.12 -17.95 -3.36
CA LEU A 455 5.43 -17.31 -2.27
C LEU A 455 6.41 -16.40 -1.50
N LYS A 456 7.55 -16.95 -1.10
CA LYS A 456 8.50 -16.18 -0.29
C LYS A 456 8.97 -14.94 -1.04
N ALA A 457 9.17 -15.05 -2.35
CA ALA A 457 9.65 -13.93 -3.15
C ALA A 457 8.54 -12.90 -3.34
N MET A 458 7.29 -13.33 -3.48
CA MET A 458 6.24 -12.43 -3.91
C MET A 458 5.43 -11.86 -2.75
N LEU A 459 5.54 -12.42 -1.54
CA LEU A 459 4.73 -11.91 -0.42
C LEU A 459 4.79 -10.40 -0.33
N PRO A 460 5.96 -9.73 -0.43
CA PRO A 460 6.03 -8.30 -0.17
C PRO A 460 5.17 -7.47 -1.14
N LEU A 461 4.71 -8.06 -2.25
CA LEU A 461 3.93 -7.28 -3.24
C LEU A 461 2.49 -7.16 -2.75
N TYR A 462 2.13 -7.95 -1.73
CA TYR A 462 0.78 -7.95 -1.23
C TYR A 462 0.69 -7.06 0.03
N ASP A 463 1.82 -6.47 0.42
CA ASP A 463 1.90 -5.76 1.70
C ASP A 463 1.82 -4.26 1.44
N THR A 464 0.74 -3.62 1.91
CA THR A 464 0.49 -2.21 1.63
C THR A 464 1.16 -1.29 2.64
N GLY A 465 1.73 -1.88 3.70
CA GLY A 465 2.16 -1.12 4.86
C GLY A 465 1.07 -0.91 5.92
N SER A 466 -0.20 -1.19 5.63
CA SER A 466 -1.25 -1.13 6.70
C SER A 466 -2.39 -2.15 6.44
N GLY A 467 -2.05 -3.21 5.70
CA GLY A 467 -3.00 -4.17 5.21
C GLY A 467 -2.37 -5.04 4.14
N THR A 468 -3.22 -5.82 3.49
CA THR A 468 -2.79 -6.61 2.37
C THR A 468 -3.71 -6.34 1.19
N ILE A 469 -3.19 -6.68 0.01
CA ILE A 469 -3.93 -6.64 -1.20
C ILE A 469 -4.42 -8.07 -1.47
N TYR A 470 -5.55 -8.23 -2.17
CA TYR A 470 -6.14 -9.55 -2.41
C TYR A 470 -5.42 -10.25 -3.56
N ASP A 471 -5.02 -9.46 -4.55
CA ASP A 471 -4.50 -9.98 -5.80
C ASP A 471 -3.55 -8.95 -6.41
N LEU A 472 -2.96 -9.26 -7.56
CA LEU A 472 -2.00 -8.35 -8.19
C LEU A 472 -2.63 -7.67 -9.39
N ARG A 473 -3.95 -7.50 -9.43
CA ARG A 473 -4.58 -6.92 -10.60
C ARG A 473 -4.09 -5.47 -10.78
N HIS A 474 -3.61 -4.81 -9.74
CA HIS A 474 -3.21 -3.41 -9.92
C HIS A 474 -2.07 -3.38 -10.93
N PHE A 475 -1.14 -4.33 -10.79
CA PHE A 475 0.04 -4.42 -11.64
C PHE A 475 -0.30 -5.04 -12.99
N MET A 476 -1.21 -6.01 -12.98
CA MET A 476 -1.47 -6.76 -14.22
C MET A 476 -2.35 -5.93 -15.16
N LEU A 477 -3.16 -5.02 -14.61
CA LEU A 477 -4.02 -4.23 -15.45
C LEU A 477 -3.72 -2.71 -15.44
N GLY A 478 -2.83 -2.25 -14.57
CA GLY A 478 -2.56 -0.80 -14.43
C GLY A 478 -3.69 -0.03 -13.76
N ILE A 479 -4.12 -0.48 -12.58
CA ILE A 479 -5.31 0.10 -11.92
C ILE A 479 -5.06 0.18 -10.42
N ALA A 480 -6.02 0.76 -9.71
CA ALA A 480 -6.01 0.82 -8.25
C ALA A 480 -5.79 -0.56 -7.67
N PRO A 481 -5.06 -0.68 -6.54
CA PRO A 481 -4.99 -1.95 -5.84
C PRO A 481 -6.35 -2.39 -5.26
N ASN A 482 -6.62 -3.71 -5.34
CA ASN A 482 -7.77 -4.44 -4.81
C ASN A 482 -7.48 -4.83 -3.36
N LEU A 483 -7.60 -3.87 -2.46
CA LEU A 483 -7.28 -4.07 -1.10
C LEU A 483 -8.06 -5.27 -0.55
N ALA A 484 -7.40 -6.09 0.29
CA ALA A 484 -8.06 -7.19 0.93
C ALA A 484 -8.89 -6.67 2.11
N ARG A 485 -10.18 -6.97 2.14
CA ARG A 485 -10.97 -6.67 3.34
C ARG A 485 -10.39 -7.45 4.49
N TRP A 486 -10.70 -7.01 5.70
CA TRP A 486 -10.03 -7.56 6.91
C TRP A 486 -10.19 -9.09 7.06
N ASP A 487 -11.34 -9.68 6.66
CA ASP A 487 -11.58 -11.16 6.86
C ASP A 487 -10.63 -11.90 5.89
N PHE A 488 -10.35 -11.34 4.72
CA PHE A 488 -9.22 -11.91 3.89
C PHE A 488 -7.85 -11.62 4.51
N HIS A 489 -7.65 -10.46 5.16
CA HIS A 489 -6.36 -10.17 5.75
C HIS A 489 -6.05 -11.20 6.83
N THR A 490 -7.05 -11.57 7.65
CA THR A 490 -6.86 -12.57 8.71
C THR A 490 -6.74 -13.99 8.10
N THR A 491 -7.50 -14.30 7.07
CA THR A 491 -7.22 -15.51 6.29
C THR A 491 -5.71 -15.54 5.89
N HIS A 492 -5.19 -14.40 5.38
CA HIS A 492 -3.79 -14.40 4.94
C HIS A 492 -2.91 -14.78 6.12
N ILE A 493 -3.17 -14.15 7.26
CA ILE A 493 -2.37 -14.40 8.46
C ILE A 493 -2.51 -15.87 8.87
N ASN A 494 -3.74 -16.37 8.94
CA ASN A 494 -3.96 -17.75 9.33
C ASN A 494 -3.14 -18.70 8.47
N GLN A 495 -3.12 -18.47 7.16
CA GLN A 495 -2.43 -19.33 6.17
C GLN A 495 -0.91 -19.30 6.40
N LEU A 496 -0.38 -18.10 6.65
CA LEU A 496 1.06 -17.88 6.76
C LEU A 496 1.54 -18.49 8.09
N GLN A 497 0.73 -18.36 9.13
CA GLN A 497 1.13 -18.88 10.45
C GLN A 497 1.12 -20.43 10.38
N LEU A 498 0.17 -21.02 9.66
CA LEU A 498 0.18 -22.45 9.40
C LEU A 498 1.45 -22.84 8.63
N LEU A 499 1.76 -22.15 7.53
CA LEU A 499 2.96 -22.47 6.77
C LEU A 499 4.20 -22.29 7.65
N SER A 500 4.19 -21.31 8.56
CA SER A 500 5.35 -21.11 9.43
C SER A 500 5.60 -22.31 10.36
N THR A 501 4.61 -23.19 10.59
CA THR A 501 4.84 -24.38 11.43
C THR A 501 5.37 -25.61 10.66
N ILE A 502 5.44 -25.58 9.32
CA ILE A 502 5.96 -26.69 8.52
C ILE A 502 7.12 -26.23 7.63
N ASP A 503 7.49 -24.96 7.71
CA ASP A 503 8.62 -24.39 6.97
C ASP A 503 9.26 -23.34 7.89
N GLU A 504 10.57 -23.47 8.10
CA GLU A 504 11.27 -22.76 9.14
C GLU A 504 11.76 -21.39 8.62
N SER A 505 11.33 -20.95 7.43
CA SER A 505 11.83 -19.69 6.84
C SER A 505 11.46 -18.51 7.73
N PRO A 506 12.44 -17.68 8.14
CA PRO A 506 12.16 -16.44 8.87
C PRO A 506 11.09 -15.52 8.24
N VAL A 507 11.06 -15.47 6.91
CA VAL A 507 10.18 -14.54 6.24
C VAL A 507 8.71 -14.77 6.64
N PHE A 508 8.29 -16.02 6.85
CA PHE A 508 6.90 -16.24 7.20
C PHE A 508 6.62 -15.67 8.58
N LYS A 509 7.54 -15.88 9.53
CA LYS A 509 7.39 -15.38 10.90
C LYS A 509 7.39 -13.85 10.94
N GLU A 510 8.29 -13.19 10.20
CA GLU A 510 8.33 -11.73 10.16
C GLU A 510 7.01 -11.18 9.62
N PHE A 511 6.47 -11.77 8.55
CA PHE A 511 5.27 -11.21 7.90
C PHE A 511 4.03 -11.43 8.79
N VAL A 512 3.92 -12.62 9.38
CA VAL A 512 2.87 -12.91 10.32
C VAL A 512 2.86 -11.82 11.41
N LYS A 513 4.03 -11.49 11.94
CA LYS A 513 4.14 -10.56 13.03
C LYS A 513 3.65 -9.18 12.53
N ARG A 514 4.12 -8.75 11.37
CA ARG A 514 3.79 -7.42 10.88
C ARG A 514 2.30 -7.38 10.55
N TRP A 515 1.85 -8.37 9.78
CA TRP A 515 0.44 -8.39 9.37
C TRP A 515 -0.53 -8.46 10.57
N LYS A 516 -0.17 -9.13 11.66
CA LYS A 516 -0.98 -9.06 12.91
C LYS A 516 -1.00 -7.64 13.50
N SER A 517 0.10 -6.89 13.42
CA SER A 517 0.14 -5.56 14.02
C SER A 517 -0.82 -4.62 13.29
N TYR A 518 -1.11 -4.90 12.03
CA TYR A 518 -1.96 -4.08 11.19
C TYR A 518 -3.42 -4.16 11.67
N LEU A 519 -3.78 -5.29 12.28
CA LEU A 519 -5.09 -5.45 12.84
C LEU A 519 -5.30 -4.44 13.96
N LYS A 520 -4.23 -4.01 14.62
CA LYS A 520 -4.26 -3.11 15.80
C LYS A 520 -3.84 -1.68 15.41
N GLY A 521 -3.84 -1.37 14.12
CA GLY A 521 -3.57 -0.02 13.66
C GLY A 521 -2.09 0.32 13.55
N SER A 522 -1.15 -0.61 13.79
CA SER A 522 0.24 -0.41 13.38
C SER A 522 0.32 -0.23 11.86
N ARG A 523 1.38 0.50 11.46
CA ARG A 523 1.72 0.85 10.09
CA ARG A 523 1.72 0.85 10.09
C ARG A 523 3.22 0.65 9.90
N ALA A 524 3.67 0.27 8.71
CA ALA A 524 5.09 0.38 8.43
C ALA A 524 5.50 1.86 8.55
N LYS A 525 6.73 2.10 9.01
CA LYS A 525 7.27 3.45 9.15
C LYS A 525 7.33 4.11 7.77
N HIS A 526 6.98 5.40 7.70
CA HIS A 526 7.23 6.23 6.52
C HIS A 526 8.67 6.75 6.59
N ASN A 527 9.23 7.18 5.44
CA ASN A 527 10.60 7.69 5.44
C ASN A 527 10.60 9.11 6.00
N LEU B 12 -28.40 11.38 29.52
CA LEU B 12 -28.82 12.79 29.76
C LEU B 12 -27.62 13.71 29.46
N LYS B 13 -26.56 13.70 30.28
CA LYS B 13 -25.52 14.75 30.30
C LYS B 13 -24.22 14.30 29.61
N TYR B 14 -23.23 15.21 29.62
CA TYR B 14 -21.87 15.05 29.10
C TYR B 14 -20.92 14.66 30.25
N GLU B 15 -19.90 13.83 29.95
CA GLU B 15 -19.42 12.85 30.94
C GLU B 15 -18.17 12.11 30.43
N GLU B 16 -17.16 11.97 31.29
CA GLU B 16 -16.02 11.12 31.03
C GLU B 16 -16.49 9.66 30.83
N ILE B 17 -15.85 8.98 29.87
CA ILE B 17 -16.00 7.53 29.66
C ILE B 17 -14.65 6.93 29.27
N ASP B 18 -14.35 5.76 29.86
CA ASP B 18 -13.18 4.94 29.51
C ASP B 18 -13.36 4.40 28.09
N CYS B 19 -12.28 4.46 27.31
CA CYS B 19 -12.27 4.01 25.96
C CYS B 19 -11.12 3.02 25.76
N LEU B 20 -11.45 1.73 25.61
CA LEU B 20 -10.47 0.66 25.44
C LEU B 20 -10.13 0.59 23.96
N ILE B 21 -8.85 0.65 23.63
CA ILE B 21 -8.35 0.73 22.27
C ILE B 21 -7.75 -0.62 21.90
N ASN B 22 -8.42 -1.35 20.99
CA ASN B 22 -7.87 -2.59 20.45
C ASN B 22 -7.55 -3.61 21.55
N ASP B 23 -8.33 -3.59 22.62
CA ASP B 23 -8.18 -4.47 23.78
C ASP B 23 -6.87 -4.27 24.56
N GLU B 24 -6.18 -3.14 24.47
CA GLU B 24 -4.81 -3.16 25.01
C GLU B 24 -4.37 -1.85 25.67
N HIS B 25 -5.22 -0.82 25.69
CA HIS B 25 -4.88 0.43 26.39
C HIS B 25 -6.17 1.23 26.52
N THR B 26 -6.33 1.91 27.64
CA THR B 26 -7.52 2.69 27.90
C THR B 26 -7.17 4.16 27.84
N ILE B 27 -7.93 4.95 27.06
CA ILE B 27 -7.88 6.39 27.06
C ILE B 27 -9.17 6.97 27.66
N LYS B 28 -9.12 8.27 28.00
CA LYS B 28 -10.25 9.02 28.52
C LYS B 28 -10.94 9.79 27.39
N GLY B 29 -12.17 9.39 27.06
CA GLY B 29 -13.03 10.08 26.12
C GLY B 29 -14.18 10.74 26.86
N ARG B 30 -15.23 11.10 26.12
CA ARG B 30 -16.39 11.76 26.65
C ARG B 30 -17.61 11.14 25.99
N ARG B 31 -18.75 11.19 26.67
CA ARG B 31 -19.99 10.65 26.17
C ARG B 31 -21.15 11.60 26.51
N GLU B 32 -22.08 11.73 25.56
CA GLU B 32 -23.37 12.34 25.74
C GLU B 32 -24.39 11.39 25.11
N GLY B 33 -25.10 10.64 25.95
CA GLY B 33 -26.07 9.66 25.51
C GLY B 33 -25.41 8.55 24.70
N ASN B 34 -25.71 8.52 23.42
CA ASN B 34 -25.23 7.48 22.53
C ASN B 34 -24.02 7.97 21.76
N GLU B 35 -23.70 9.27 21.84
CA GLU B 35 -22.57 9.80 21.11
C GLU B 35 -21.32 9.72 21.99
N VAL B 36 -20.22 9.15 21.45
CA VAL B 36 -18.92 9.09 22.12
C VAL B 36 -17.97 10.06 21.38
N PHE B 37 -17.16 10.76 22.18
CA PHE B 37 -16.22 11.73 21.65
C PHE B 37 -14.81 11.33 22.08
N LEU B 38 -13.85 11.40 21.16
CA LEU B 38 -12.52 10.91 21.41
C LEU B 38 -11.55 12.07 21.32
N PRO B 39 -10.54 12.10 22.21
CA PRO B 39 -9.58 13.18 22.24
C PRO B 39 -8.67 13.21 21.00
N PHE B 40 -8.49 14.39 20.41
CA PHE B 40 -7.67 14.53 19.24
C PHE B 40 -6.22 14.14 19.55
N THR B 41 -5.79 14.29 20.80
CA THR B 41 -4.46 13.83 21.22
C THR B 41 -4.24 12.37 20.83
N TRP B 42 -5.25 11.53 21.02
CA TRP B 42 -5.17 10.15 20.63
C TRP B 42 -5.28 10.01 19.11
N VAL B 43 -6.28 10.66 18.49
CA VAL B 43 -6.56 10.51 17.06
C VAL B 43 -5.29 10.83 16.26
N GLU B 44 -4.65 11.95 16.60
CA GLU B 44 -3.47 12.46 15.94
C GLU B 44 -2.37 11.39 15.88
N LYS B 45 -2.06 10.74 17.01
CA LYS B 45 -0.95 9.87 17.11
C LYS B 45 -1.32 8.51 16.51
N TYR B 46 -2.54 8.04 16.79
CA TYR B 46 -2.97 6.70 16.43
C TYR B 46 -3.11 6.57 14.90
N PHE B 47 -3.65 7.60 14.24
CA PHE B 47 -3.90 7.59 12.81
C PHE B 47 -2.82 8.37 12.04
N ASP B 48 -1.91 9.06 12.74
CA ASP B 48 -0.80 9.84 12.11
C ASP B 48 -1.38 10.91 11.17
N VAL B 49 -2.19 11.81 11.77
CA VAL B 49 -2.86 12.91 11.10
C VAL B 49 -2.54 14.23 11.81
N TYR B 50 -3.15 15.32 11.36
CA TYR B 50 -2.74 16.68 11.75
C TYR B 50 -3.96 17.57 12.05
N GLY B 51 -3.73 18.52 12.95
CA GLY B 51 -4.69 19.56 13.14
C GLY B 51 -4.32 20.44 14.30
N LYS B 52 -5.07 21.54 14.42
CA LYS B 52 -4.87 22.51 15.45
C LYS B 52 -6.05 23.47 15.45
N VAL B 53 -6.19 24.14 16.58
CA VAL B 53 -7.09 25.20 16.73
C VAL B 53 -6.42 26.44 16.13
N VAL B 54 -7.08 27.07 15.15
CA VAL B 54 -6.54 28.28 14.61
C VAL B 54 -7.53 29.39 14.95
N GLN B 55 -6.95 30.51 15.40
CA GLN B 55 -7.64 31.63 16.02
C GLN B 55 -8.02 32.64 14.93
N TYR B 56 -9.33 32.89 14.78
CA TYR B 56 -9.84 33.96 13.93
C TYR B 56 -10.37 35.07 14.84
N ASP B 57 -10.93 36.12 14.24
CA ASP B 57 -11.29 37.32 14.97
C ASP B 57 -12.53 37.06 15.85
N GLY B 58 -12.32 36.98 17.18
CA GLY B 58 -13.37 36.71 18.18
C GLY B 58 -13.60 35.21 18.44
N TYR B 59 -13.10 34.36 17.53
CA TYR B 59 -13.75 33.11 17.05
C TYR B 59 -12.68 32.03 16.84
N ASP B 60 -12.90 30.86 17.44
CA ASP B 60 -12.00 29.71 17.41
C ASP B 60 -12.49 28.66 16.41
N ARG B 61 -11.56 28.03 15.69
CA ARG B 61 -11.90 26.84 14.85
C ARG B 61 -10.78 25.78 14.80
N PHE B 62 -11.16 24.53 15.04
CA PHE B 62 -10.26 23.38 14.86
C PHE B 62 -10.23 23.01 13.40
N GLU B 63 -9.04 22.74 12.88
CA GLU B 63 -8.87 22.49 11.49
C GLU B 63 -7.98 21.25 11.32
N PHE B 64 -8.57 20.21 10.76
CA PHE B 64 -8.02 18.89 10.63
C PHE B 64 -7.48 18.73 9.22
N SER B 65 -6.32 18.07 9.08
CA SER B 65 -5.79 17.67 7.74
C SER B 65 -5.33 16.23 7.78
N HIS B 66 -5.70 15.50 6.74
CA HIS B 66 -5.19 14.16 6.58
C HIS B 66 -3.68 14.22 6.40
N SER B 67 -3.22 15.20 5.63
CA SER B 67 -1.82 15.30 5.21
C SER B 67 -1.31 16.72 5.45
N TYR B 68 -0.01 16.92 5.21
CA TYR B 68 0.64 18.20 5.08
C TYR B 68 1.25 18.22 3.66
N SER B 69 1.72 19.36 3.20
CA SER B 69 2.25 19.42 1.86
C SER B 69 1.08 19.67 0.93
N LYS B 70 1.32 20.43 -0.14
CA LYS B 70 0.32 20.72 -1.15
C LYS B 70 0.78 20.26 -2.52
N VAL B 71 -0.18 20.08 -3.42
CA VAL B 71 0.09 19.83 -4.81
C VAL B 71 0.23 21.18 -5.52
N TYR B 72 1.08 21.21 -6.55
CA TYR B 72 1.39 22.39 -7.30
C TYR B 72 0.25 22.63 -8.28
N ALA B 73 -0.21 23.87 -8.33
CA ALA B 73 -1.25 24.29 -9.23
C ALA B 73 -0.59 24.66 -10.56
N GLN B 74 -0.54 23.67 -11.43
CA GLN B 74 0.15 23.74 -12.66
C GLN B 74 -0.66 24.65 -13.57
N ARG B 75 -0.03 25.68 -14.14
CA ARG B 75 -0.77 26.70 -14.87
C ARG B 75 -0.90 26.30 -16.33
N ALA B 76 0.05 25.50 -16.84
CA ALA B 76 0.22 25.30 -18.24
C ALA B 76 0.98 24.02 -18.54
N PRO B 77 0.90 23.46 -19.77
CA PRO B 77 1.71 22.29 -20.15
C PRO B 77 3.21 22.52 -19.96
N TYR B 78 3.90 21.48 -19.52
CA TYR B 78 5.35 21.54 -19.29
C TYR B 78 6.02 21.79 -20.66
N HIS B 79 7.04 22.64 -20.66
CA HIS B 79 7.95 22.82 -21.78
C HIS B 79 9.34 23.10 -21.23
N PRO B 80 10.41 22.62 -21.89
CA PRO B 80 11.76 22.72 -21.39
C PRO B 80 12.31 24.12 -21.08
N ASP B 81 11.80 25.16 -21.72
CA ASP B 81 12.26 26.54 -21.48
C ASP B 81 11.47 27.18 -20.32
N GLY B 82 10.42 26.52 -19.82
CA GLY B 82 9.59 27.11 -18.79
C GLY B 82 10.02 26.72 -17.39
N VAL B 83 9.11 27.00 -16.46
CA VAL B 83 9.35 26.69 -15.08
C VAL B 83 9.59 25.19 -15.01
N PHE B 84 10.39 24.80 -14.00
CA PHE B 84 10.69 23.46 -13.76
C PHE B 84 9.77 22.97 -12.65
N MET B 85 8.72 22.28 -13.09
CA MET B 85 7.76 21.66 -12.19
C MET B 85 7.25 22.72 -11.19
N SER B 86 7.40 22.48 -9.89
CA SER B 86 6.92 23.35 -8.84
C SER B 86 8.04 24.20 -8.23
N PHE B 87 9.25 24.20 -8.83
CA PHE B 87 10.47 24.77 -8.20
C PHE B 87 10.39 26.28 -8.00
N GLU B 88 9.41 26.97 -8.60
CA GLU B 88 9.19 28.41 -8.32
C GLU B 88 8.96 28.62 -6.81
N GLY B 89 8.51 27.59 -6.11
CA GLY B 89 8.26 27.70 -4.70
C GLY B 89 9.31 27.02 -3.85
N TYR B 90 10.31 26.39 -4.45
CA TYR B 90 11.37 25.78 -3.67
C TYR B 90 12.21 26.90 -3.07
N ASN B 91 12.82 26.65 -1.91
CA ASN B 91 13.77 27.55 -1.32
C ASN B 91 14.99 26.75 -0.86
N VAL B 92 15.94 26.59 -1.76
CA VAL B 92 17.10 25.73 -1.51
C VAL B 92 17.98 26.31 -0.39
N GLU B 93 18.22 27.62 -0.37
CA GLU B 93 19.27 28.16 0.49
C GLU B 93 18.89 28.09 1.98
N VAL B 94 17.60 28.09 2.35
CA VAL B 94 17.20 28.05 3.79
C VAL B 94 17.21 26.62 4.34
N ARG B 95 17.23 25.62 3.46
CA ARG B 95 17.37 24.23 3.90
C ARG B 95 18.60 24.19 4.80
N ASP B 96 18.43 23.57 5.97
CA ASP B 96 19.46 23.58 7.02
C ASP B 96 20.57 22.58 6.67
N ARG B 97 20.37 21.72 5.67
CA ARG B 97 21.46 20.89 5.19
C ARG B 97 22.35 21.64 4.18
N VAL B 98 22.06 22.90 3.89
CA VAL B 98 22.92 23.74 3.05
C VAL B 98 23.82 24.54 3.99
N LYS B 99 25.10 24.18 4.08
CA LYS B 99 26.01 24.82 5.02
C LYS B 99 26.18 26.29 4.64
N CYS B 100 26.34 26.55 3.33
CA CYS B 100 26.43 27.93 2.86
C CYS B 100 26.47 27.94 1.32
N ILE B 101 26.49 29.15 0.76
CA ILE B 101 26.78 29.36 -0.62
C ILE B 101 28.28 29.61 -0.77
N SER B 102 28.95 28.67 -1.44
CA SER B 102 30.37 28.74 -1.74
C SER B 102 30.74 30.14 -2.24
N GLY B 103 31.79 30.71 -1.66
CA GLY B 103 32.32 31.96 -2.14
C GLY B 103 32.98 31.85 -3.51
N VAL B 104 33.77 30.78 -3.71
CA VAL B 104 34.54 30.54 -4.97
C VAL B 104 33.57 30.20 -6.11
N GLU B 105 32.61 29.31 -5.81
CA GLU B 105 31.80 28.59 -6.82
C GLU B 105 30.41 29.23 -7.02
N GLY B 106 29.93 29.97 -6.02
CA GLY B 106 28.60 30.59 -6.04
C GLY B 106 27.44 29.59 -5.99
N VAL B 107 27.65 28.42 -5.37
CA VAL B 107 26.64 27.38 -5.31
C VAL B 107 26.64 26.75 -3.92
N PRO B 108 25.53 26.08 -3.52
CA PRO B 108 25.45 25.46 -2.22
C PRO B 108 26.47 24.33 -1.98
N LEU B 109 26.75 24.12 -0.69
CA LEU B 109 27.47 23.00 -0.15
C LEU B 109 26.56 22.25 0.84
N SER B 110 26.41 20.92 0.67
CA SER B 110 25.52 20.10 1.48
C SER B 110 26.32 19.43 2.59
N THR B 111 25.62 19.14 3.69
CA THR B 111 26.13 18.37 4.82
C THR B 111 25.17 17.24 5.19
N GLN B 112 24.25 16.90 4.29
CA GLN B 112 23.20 15.93 4.58
C GLN B 112 23.79 14.59 5.10
N TRP B 113 24.85 14.08 4.43
CA TRP B 113 25.43 12.78 4.76
C TRP B 113 26.87 12.90 5.28
N GLY B 114 27.26 14.10 5.74
CA GLY B 114 28.58 14.30 6.32
C GLY B 114 28.81 15.75 6.73
N PRO B 115 29.21 16.01 8.00
CA PRO B 115 29.36 17.38 8.49
C PRO B 115 30.53 18.12 7.81
N GLN B 116 31.42 17.36 7.16
CA GLN B 116 32.59 17.94 6.49
C GLN B 116 32.16 18.87 5.33
N GLY B 117 31.00 18.60 4.71
CA GLY B 117 30.55 19.36 3.54
C GLY B 117 31.07 18.77 2.22
N TYR B 118 30.28 18.95 1.17
CA TYR B 118 30.53 18.42 -0.15
C TYR B 118 29.55 19.09 -1.11
N PHE B 119 29.97 19.26 -2.36
CA PHE B 119 29.15 19.72 -3.44
C PHE B 119 28.25 18.57 -3.91
N TYR B 120 26.95 18.62 -3.60
CA TYR B 120 25.95 17.66 -4.04
C TYR B 120 25.32 18.19 -5.34
N PRO B 121 25.63 17.57 -6.49
CA PRO B 121 25.07 18.02 -7.75
C PRO B 121 23.56 18.21 -7.78
N ILE B 122 22.81 17.37 -7.06
CA ILE B 122 21.32 17.49 -7.04
C ILE B 122 20.97 18.86 -6.44
N GLN B 123 21.56 19.16 -5.29
CA GLN B 123 21.30 20.38 -4.57
C GLN B 123 21.67 21.58 -5.45
N ILE B 124 22.77 21.47 -6.21
CA ILE B 124 23.30 22.58 -7.02
C ILE B 124 22.34 22.82 -8.17
N ALA B 125 21.87 21.75 -8.79
CA ALA B 125 20.92 21.84 -9.90
C ALA B 125 19.60 22.44 -9.41
N GLN B 126 19.14 22.02 -8.24
CA GLN B 126 17.89 22.54 -7.67
C GLN B 126 18.06 24.04 -7.41
N TYR B 127 19.23 24.43 -6.94
CA TYR B 127 19.53 25.84 -6.68
C TYR B 127 19.28 26.59 -7.98
N GLY B 128 19.83 26.07 -9.07
CA GLY B 128 19.71 26.73 -10.36
C GLY B 128 18.29 26.69 -10.91
N LEU B 129 17.65 25.54 -10.87
CA LEU B 129 16.31 25.40 -11.46
C LEU B 129 15.28 26.22 -10.68
N SER B 130 15.41 26.31 -9.36
CA SER B 130 14.44 27.15 -8.57
C SER B 130 14.66 28.63 -8.92
N HIS B 131 15.91 29.07 -9.01
CA HIS B 131 16.18 30.47 -9.35
C HIS B 131 15.73 30.74 -10.80
N TYR B 132 15.94 29.76 -11.71
CA TYR B 132 15.48 29.90 -13.06
C TYR B 132 13.95 30.08 -13.06
N SER B 133 13.28 29.32 -12.21
CA SER B 133 11.83 29.30 -12.22
C SER B 133 11.29 30.60 -11.64
N LYS B 134 11.94 31.08 -10.59
CA LYS B 134 11.50 32.31 -9.97
C LYS B 134 11.76 33.51 -10.89
N ASN B 135 12.74 33.41 -11.78
CA ASN B 135 12.99 34.48 -12.75
C ASN B 135 11.76 34.71 -13.64
N LEU B 136 11.03 33.62 -13.95
CA LEU B 136 9.86 33.66 -14.81
C LEU B 136 8.59 34.05 -14.03
N THR B 137 8.53 33.83 -12.72
CA THR B 137 7.27 34.01 -12.01
C THR B 137 7.24 35.25 -11.09
N GLU B 138 8.39 35.73 -10.61
CA GLU B 138 8.47 36.82 -9.61
C GLU B 138 8.42 38.17 -10.34
N LYS B 139 8.19 39.26 -9.62
CA LYS B 139 8.24 40.61 -10.27
C LYS B 139 9.71 40.98 -10.48
N PRO B 140 10.05 41.79 -11.51
CA PRO B 140 11.43 42.26 -11.68
C PRO B 140 11.92 42.94 -10.42
N PRO B 141 13.20 42.77 -10.06
CA PRO B 141 13.72 43.42 -8.86
C PRO B 141 13.95 44.92 -9.03
N HIS B 142 13.88 45.64 -7.92
CA HIS B 142 14.48 46.95 -7.84
C HIS B 142 16.00 46.75 -7.87
N ILE B 143 16.70 47.64 -8.59
CA ILE B 143 18.16 47.62 -8.74
C ILE B 143 18.66 49.04 -8.40
N GLU B 144 19.33 49.22 -7.26
CA GLU B 144 19.95 50.52 -6.96
C GLU B 144 21.43 50.46 -7.35
N VAL B 145 21.89 51.48 -8.07
CA VAL B 145 23.26 51.54 -8.58
C VAL B 145 24.03 52.63 -7.83
N TYR B 146 25.15 52.24 -7.22
CA TYR B 146 25.90 53.10 -6.34
C TYR B 146 27.21 53.56 -6.99
N GLU B 147 27.72 52.86 -8.01
CA GLU B 147 29.00 53.26 -8.61
C GLU B 147 29.22 52.64 -10.01
N THR B 148 29.30 53.50 -11.04
CA THR B 148 29.63 53.07 -12.40
C THR B 148 30.98 53.63 -12.85
N ALA B 149 31.46 54.67 -12.17
CA ALA B 149 32.75 55.35 -12.42
C ALA B 149 32.70 56.15 -13.72
N GLU B 150 31.52 56.35 -14.31
CA GLU B 150 31.35 56.95 -15.64
C GLU B 150 31.21 58.48 -15.51
N ASP B 151 30.64 59.12 -16.55
CA ASP B 151 30.08 60.48 -16.52
C ASP B 151 28.57 60.46 -16.19
N ARG B 152 27.96 59.26 -16.17
CA ARG B 152 26.68 58.94 -15.47
C ARG B 152 26.86 59.16 -13.96
N ASP B 153 28.12 59.15 -13.50
CA ASP B 153 28.56 59.67 -12.18
C ASP B 153 29.06 61.11 -12.36
N LYS B 154 28.16 62.01 -12.78
CA LYS B 154 28.31 63.45 -12.61
C LYS B 154 28.01 63.78 -11.14
N ASN B 155 26.72 63.94 -10.79
CA ASN B 155 26.30 64.32 -9.42
C ASN B 155 25.74 63.09 -8.68
N LYS B 156 25.94 63.06 -7.34
CA LYS B 156 25.80 61.92 -6.37
C LYS B 156 25.22 60.65 -7.01
N PRO B 157 25.58 59.46 -6.50
CA PRO B 157 26.32 59.24 -5.26
C PRO B 157 27.85 59.39 -5.36
N ASN B 158 28.43 60.35 -4.61
CA ASN B 158 29.88 60.38 -4.33
C ASN B 158 30.13 59.34 -3.23
N ASP B 159 30.25 59.79 -1.96
CA ASP B 159 30.07 58.96 -0.76
C ASP B 159 31.27 58.01 -0.50
N TRP B 160 32.44 58.25 -1.12
CA TRP B 160 33.63 57.49 -0.73
C TRP B 160 34.37 58.21 0.42
N THR B 161 34.80 57.42 1.41
CA THR B 161 35.72 57.86 2.44
C THR B 161 37.09 57.25 2.11
N VAL B 162 38.12 58.12 2.03
CA VAL B 162 39.45 57.72 1.61
C VAL B 162 40.43 58.18 2.71
N PRO B 163 40.70 57.33 3.73
CA PRO B 163 41.59 57.73 4.82
C PRO B 163 43.04 57.86 4.34
N LYS B 164 43.82 58.68 5.06
CA LYS B 164 45.26 58.84 4.79
C LYS B 164 45.89 57.43 4.83
N GLY B 165 46.76 57.17 3.86
CA GLY B 165 47.32 55.86 3.59
C GLY B 165 46.66 55.17 2.41
N CYS B 166 45.59 55.77 1.88
CA CYS B 166 44.74 55.18 0.82
C CYS B 166 44.66 56.10 -0.40
N PHE B 167 44.02 55.62 -1.47
CA PHE B 167 43.96 56.31 -2.75
C PHE B 167 42.85 55.70 -3.62
N MET B 168 42.22 56.54 -4.44
CA MET B 168 41.17 56.11 -5.38
C MET B 168 41.17 57.03 -6.60
N ALA B 169 40.72 56.49 -7.75
CA ALA B 169 40.66 57.23 -9.02
C ALA B 169 39.66 56.55 -9.97
N ASN B 170 39.07 57.35 -10.87
CA ASN B 170 38.33 56.84 -12.05
C ASN B 170 39.35 56.56 -13.16
N VAL B 171 39.40 55.32 -13.63
CA VAL B 171 40.43 54.85 -14.55
C VAL B 171 39.74 54.06 -15.66
N ALA B 172 40.08 54.32 -16.92
CA ALA B 172 39.56 53.53 -18.03
C ALA B 172 40.14 52.10 -17.95
N ASP B 173 39.38 51.15 -18.50
CA ASP B 173 39.78 49.75 -18.64
C ASP B 173 39.41 49.33 -20.07
N LYS B 174 40.38 49.42 -20.99
CA LYS B 174 40.17 49.16 -22.42
C LYS B 174 39.69 47.71 -22.61
N SER B 175 40.28 46.79 -21.83
CA SER B 175 39.96 45.36 -21.92
C SER B 175 38.44 45.12 -21.79
N ARG B 176 37.68 46.01 -21.13
CA ARG B 176 36.18 45.87 -21.16
C ARG B 176 35.41 47.21 -21.09
N PHE B 177 35.92 48.21 -21.83
CA PHE B 177 35.13 49.33 -22.47
C PHE B 177 34.27 50.13 -21.47
N THR B 178 34.89 50.51 -20.36
CA THR B 178 34.18 51.24 -19.33
C THR B 178 35.22 51.95 -18.47
N ASN B 179 34.75 52.83 -17.59
CA ASN B 179 35.54 53.33 -16.51
C ASN B 179 35.27 52.47 -15.27
N VAL B 180 36.25 52.53 -14.37
CA VAL B 180 36.43 51.59 -13.30
C VAL B 180 37.04 52.38 -12.12
N LYS B 181 36.71 51.98 -10.88
CA LYS B 181 37.25 52.61 -9.69
C LYS B 181 38.48 51.84 -9.18
N GLN B 182 39.65 52.44 -9.32
CA GLN B 182 40.87 51.90 -8.72
C GLN B 182 40.89 52.23 -7.22
N PHE B 183 41.38 51.30 -6.39
CA PHE B 183 41.54 51.54 -4.98
C PHE B 183 42.87 50.90 -4.54
N ILE B 184 43.59 51.62 -3.68
CA ILE B 184 44.72 51.10 -2.91
C ILE B 184 44.44 51.40 -1.44
N ALA B 185 44.50 50.36 -0.60
CA ALA B 185 44.32 50.46 0.85
C ALA B 185 45.12 49.35 1.51
N PRO B 186 46.02 49.62 2.46
CA PRO B 186 46.65 48.53 3.21
C PRO B 186 45.59 47.71 3.97
N GLU B 187 45.85 46.41 4.17
CA GLU B 187 44.89 45.50 4.86
C GLU B 187 45.19 45.52 6.38
N THR B 188 45.96 46.53 6.82
CA THR B 188 46.09 46.86 8.24
C THR B 188 45.35 48.17 8.55
N SER B 189 44.68 48.78 7.56
CA SER B 189 43.92 50.05 7.71
C SER B 189 42.41 49.75 7.75
N GLU B 190 41.61 50.80 8.00
CA GLU B 190 40.13 50.73 7.99
C GLU B 190 39.58 50.60 6.56
N GLY B 191 40.40 50.87 5.54
CA GLY B 191 40.03 50.66 4.13
C GLY B 191 39.27 51.84 3.55
N VAL B 192 38.93 51.76 2.26
CA VAL B 192 38.08 52.76 1.58
C VAL B 192 36.62 52.29 1.65
N SER B 193 35.71 53.23 1.86
CA SER B 193 34.35 52.93 2.30
C SER B 193 33.36 53.75 1.45
N LEU B 194 32.36 53.04 0.92
CA LEU B 194 31.30 53.64 0.15
C LEU B 194 30.00 53.50 0.96
N GLN B 195 29.34 54.63 1.23
CA GLN B 195 28.07 54.63 1.95
C GLN B 195 26.99 54.14 0.99
N LEU B 196 26.25 53.11 1.44
CA LEU B 196 25.16 52.47 0.69
C LEU B 196 23.81 52.89 1.31
N GLY B 197 23.42 52.30 2.45
CA GLY B 197 22.27 52.70 3.22
C GLY B 197 20.93 52.22 2.67
N ASN B 198 20.90 51.00 2.08
CA ASN B 198 19.67 50.36 1.55
C ASN B 198 18.93 49.62 2.68
N THR B 199 17.63 49.88 2.82
CA THR B 199 16.81 49.29 3.89
C THR B 199 15.86 48.24 3.33
N LYS B 200 15.74 48.13 1.98
CA LYS B 200 14.61 47.41 1.34
C LYS B 200 15.07 46.13 0.60
N ASP B 201 16.32 46.07 0.15
CA ASP B 201 16.84 45.00 -0.73
C ASP B 201 18.23 44.55 -0.28
N PHE B 202 18.56 43.27 -0.49
CA PHE B 202 19.72 42.62 0.20
C PHE B 202 20.64 41.78 -0.70
N ILE B 203 20.57 41.92 -2.03
CA ILE B 203 21.51 41.26 -2.93
C ILE B 203 22.56 42.27 -3.37
N ILE B 204 23.80 42.07 -2.97
CA ILE B 204 24.86 42.98 -3.35
C ILE B 204 25.60 42.39 -4.53
N SER B 205 26.02 43.28 -5.43
CA SER B 205 26.69 42.89 -6.67
C SER B 205 27.76 43.92 -7.03
N PHE B 206 28.90 43.45 -7.55
CA PHE B 206 30.00 44.35 -8.00
C PHE B 206 30.98 43.57 -8.88
N ASP B 207 31.53 44.27 -9.89
CA ASP B 207 32.61 43.76 -10.69
C ASP B 207 33.91 43.99 -9.90
N LEU B 208 34.76 42.96 -9.85
CA LEU B 208 35.96 42.95 -9.04
C LEU B 208 37.17 42.43 -9.83
N LYS B 209 38.33 43.08 -9.59
CA LYS B 209 39.65 42.61 -10.00
C LYS B 209 40.69 43.07 -8.97
N PHE B 210 41.26 42.12 -8.21
CA PHE B 210 42.36 42.41 -7.30
C PHE B 210 43.69 42.34 -8.07
N LEU B 211 44.65 43.19 -7.68
CA LEU B 211 46.05 43.04 -8.09
C LEU B 211 46.81 42.24 -7.04
N THR B 212 46.46 42.49 -5.77
CA THR B 212 47.07 41.88 -4.61
C THR B 212 45.99 41.14 -3.80
N ASN B 213 46.38 40.51 -2.69
CA ASN B 213 45.38 39.94 -1.75
C ASN B 213 44.55 41.09 -1.21
N GLY B 214 43.36 40.78 -0.72
CA GLY B 214 42.42 41.81 -0.30
C GLY B 214 41.09 41.23 0.14
N SER B 215 40.12 42.13 0.33
CA SER B 215 38.81 41.80 0.81
C SER B 215 37.83 42.91 0.43
N VAL B 216 36.58 42.50 0.20
CA VAL B 216 35.46 43.40 0.04
C VAL B 216 34.45 42.99 1.09
N SER B 217 34.11 43.93 1.97
CA SER B 217 33.34 43.68 3.18
C SER B 217 32.10 44.58 3.22
N VAL B 218 31.03 44.04 3.82
CA VAL B 218 29.78 44.75 3.88
C VAL B 218 29.31 44.79 5.34
N VAL B 219 29.03 46.02 5.81
CA VAL B 219 28.49 46.26 7.15
C VAL B 219 26.96 46.21 7.09
N LEU B 220 26.36 45.44 8.00
CA LEU B 220 24.92 45.23 8.08
C LEU B 220 24.41 45.68 9.44
N GLU B 221 23.36 46.49 9.43
CA GLU B 221 22.54 46.71 10.61
C GLU B 221 21.55 45.53 10.64
N THR B 222 21.32 44.94 11.81
CA THR B 222 20.48 43.73 11.93
C THR B 222 19.31 44.00 12.89
N THR B 223 18.41 43.01 12.94
CA THR B 223 17.17 43.02 13.72
C THR B 223 17.42 42.60 15.18
N GLU B 224 18.61 42.06 15.45
CA GLU B 224 18.98 41.61 16.78
C GLU B 224 19.55 42.82 17.53
N LYS B 225 18.67 43.57 18.22
CA LYS B 225 19.06 44.66 19.14
C LYS B 225 20.01 45.67 18.47
N ASN B 226 19.72 46.06 17.21
CA ASN B 226 20.43 47.16 16.49
C ASN B 226 21.88 46.80 16.10
N GLN B 227 22.32 45.56 16.36
CA GLN B 227 23.73 45.17 16.32
C GLN B 227 24.26 45.13 14.89
N LEU B 228 25.54 45.53 14.75
CA LEU B 228 26.24 45.66 13.48
C LEU B 228 27.11 44.42 13.27
N PHE B 229 26.89 43.75 12.12
CA PHE B 229 27.69 42.60 11.66
C PHE B 229 28.38 42.99 10.35
N THR B 230 29.58 42.43 10.14
CA THR B 230 30.32 42.65 8.94
C THR B 230 30.58 41.31 8.24
N ILE B 231 30.31 41.29 6.94
CA ILE B 231 30.61 40.13 6.15
C ILE B 231 31.79 40.47 5.23
N HIS B 232 32.86 39.71 5.39
CA HIS B 232 34.12 39.87 4.71
C HIS B 232 34.20 38.85 3.56
N TYR B 233 34.31 39.34 2.33
CA TYR B 233 34.57 38.51 1.14
C TYR B 233 36.06 38.60 0.81
N VAL B 234 36.77 37.57 1.27
CA VAL B 234 38.21 37.57 1.39
C VAL B 234 38.80 36.84 0.19
N SER B 235 39.99 37.27 -0.26
CA SER B 235 40.66 36.75 -1.46
C SER B 235 41.42 35.44 -1.21
N ASN B 236 40.86 34.53 -0.39
CA ASN B 236 41.37 33.15 -0.21
C ASN B 236 40.24 32.14 -0.53
N ALA B 237 40.54 30.84 -0.40
CA ALA B 237 39.62 29.74 -0.72
C ALA B 237 38.99 29.14 0.55
N GLN B 238 39.09 29.82 1.69
CA GLN B 238 38.51 29.33 2.94
C GLN B 238 36.99 29.48 2.83
N LEU B 239 36.24 28.48 3.31
CA LEU B 239 34.82 28.37 2.98
C LEU B 239 33.99 29.39 3.78
N ILE B 240 33.99 29.28 5.11
CA ILE B 240 33.19 30.13 5.99
C ILE B 240 33.80 30.14 7.40
N ALA B 241 33.84 31.31 8.04
CA ALA B 241 34.20 31.45 9.48
C ALA B 241 33.27 32.48 10.15
N PHE B 242 33.10 32.39 11.46
CA PHE B 242 32.28 33.37 12.21
C PHE B 242 32.89 33.56 13.60
N LYS B 243 33.18 34.80 13.98
CA LYS B 243 33.67 35.09 15.35
C LYS B 243 33.07 36.43 15.75
N GLU B 244 32.39 36.43 16.91
CA GLU B 244 31.76 37.63 17.48
C GLU B 244 30.71 38.11 16.48
N ARG B 245 31.01 39.21 15.74
CA ARG B 245 30.10 39.82 14.74
C ARG B 245 30.80 39.99 13.38
N ASP B 246 31.80 39.15 13.11
CA ASP B 246 32.46 39.07 11.79
C ASP B 246 32.17 37.70 11.17
N ILE B 247 31.71 37.72 9.92
CA ILE B 247 31.53 36.51 9.09
C ILE B 247 32.50 36.60 7.92
N TYR B 248 33.12 35.49 7.53
CA TYR B 248 34.16 35.47 6.50
C TYR B 248 33.82 34.41 5.44
N TYR B 249 33.77 34.83 4.17
CA TYR B 249 33.62 33.94 3.03
C TYR B 249 34.82 34.13 2.10
N GLY B 250 35.54 33.04 1.82
CA GLY B 250 36.59 33.07 0.82
C GLY B 250 36.00 33.10 -0.58
N ILE B 251 36.43 34.04 -1.43
CA ILE B 251 35.88 34.13 -2.78
C ILE B 251 36.94 33.81 -3.83
N GLY B 252 38.13 33.36 -3.40
CA GLY B 252 39.22 33.02 -4.34
C GLY B 252 40.01 34.25 -4.77
N PRO B 253 41.05 34.09 -5.63
CA PRO B 253 41.96 35.19 -5.93
C PRO B 253 41.34 36.43 -6.58
N ARG B 254 40.39 36.20 -7.50
CA ARG B 254 39.66 37.21 -8.30
C ARG B 254 40.64 38.19 -8.94
N THR B 255 41.67 37.65 -9.58
CA THR B 255 42.72 38.42 -10.24
C THR B 255 42.31 38.81 -11.66
N SER B 256 41.30 38.12 -12.21
CA SER B 256 40.64 38.50 -13.44
C SER B 256 39.23 39.00 -13.12
N TRP B 257 38.79 39.97 -13.93
CA TRP B 257 37.44 40.49 -13.89
C TRP B 257 36.41 39.37 -13.67
N SER B 258 35.50 39.59 -12.72
CA SER B 258 34.32 38.72 -12.53
C SER B 258 33.24 39.54 -11.81
N THR B 259 31.95 39.20 -12.04
CA THR B 259 30.85 39.77 -11.26
C THR B 259 30.66 38.91 -10.00
N VAL B 260 30.81 39.53 -8.83
CA VAL B 260 30.57 38.90 -7.55
C VAL B 260 29.16 39.31 -7.15
N THR B 261 28.29 38.33 -6.86
CA THR B 261 26.89 38.51 -6.44
C THR B 261 26.63 37.66 -5.17
N ARG B 262 26.22 38.31 -4.07
CA ARG B 262 25.95 37.63 -2.81
C ARG B 262 24.58 38.02 -2.23
N ASP B 263 23.92 37.05 -1.61
CA ASP B 263 22.69 37.30 -0.88
C ASP B 263 23.06 37.50 0.60
N LEU B 264 22.95 38.75 1.06
CA LEU B 264 23.37 39.09 2.40
C LEU B 264 22.45 38.43 3.43
N VAL B 265 21.15 38.26 3.13
CA VAL B 265 20.25 37.57 4.08
C VAL B 265 20.84 36.18 4.35
N THR B 266 21.08 35.43 3.28
CA THR B 266 21.58 34.05 3.38
C THR B 266 22.98 34.03 4.00
N ASP B 267 23.85 34.93 3.52
CA ASP B 267 25.23 34.91 3.96
C ASP B 267 25.30 35.25 5.45
N LEU B 268 24.43 36.15 5.93
CA LEU B 268 24.37 36.50 7.38
C LEU B 268 23.87 35.30 8.19
N ARG B 269 22.76 34.69 7.76
CA ARG B 269 22.10 33.61 8.53
C ARG B 269 22.98 32.35 8.58
N LYS B 270 23.64 32.01 7.49
CA LYS B 270 24.54 30.84 7.46
C LYS B 270 25.77 31.12 8.32
N GLY B 271 26.28 32.36 8.32
CA GLY B 271 27.37 32.76 9.22
C GLY B 271 26.99 32.57 10.69
N VAL B 272 25.94 33.27 11.13
CA VAL B 272 25.56 33.19 12.55
C VAL B 272 25.16 31.74 12.95
N GLY B 273 24.65 30.94 12.01
CA GLY B 273 24.24 29.58 12.28
C GLY B 273 25.35 28.54 12.12
N LEU B 274 26.60 28.96 11.91
CA LEU B 274 27.68 28.00 11.72
C LEU B 274 27.67 26.96 12.86
N SER B 275 28.04 25.72 12.53
CA SER B 275 27.89 24.51 13.33
C SER B 275 28.83 23.43 12.76
N ASN B 276 29.40 22.58 13.61
CA ASN B 276 30.22 21.43 13.15
C ASN B 276 29.30 20.23 12.89
N THR B 277 27.97 20.42 13.00
CA THR B 277 27.00 19.33 12.78
C THR B 277 26.52 19.39 11.31
N LYS B 278 25.67 18.42 10.96
CA LYS B 278 25.07 18.32 9.63
C LYS B 278 23.93 19.34 9.44
N ALA B 279 23.62 20.15 10.45
CA ALA B 279 22.54 21.13 10.34
C ALA B 279 22.98 22.50 10.86
N VAL B 280 22.67 23.53 10.08
CA VAL B 280 22.84 24.91 10.51
C VAL B 280 21.86 25.15 11.68
N LYS B 281 22.35 25.85 12.71
CA LYS B 281 21.51 26.32 13.81
C LYS B 281 20.47 27.28 13.28
N PRO B 282 19.18 27.17 13.66
CA PRO B 282 18.19 28.14 13.18
C PRO B 282 18.51 29.49 13.84
N THR B 283 18.18 30.58 13.13
CA THR B 283 18.22 31.95 13.67
C THR B 283 17.03 32.74 13.11
N LYS B 284 16.55 33.75 13.84
CA LYS B 284 15.57 34.70 13.31
C LYS B 284 16.24 36.01 12.86
N ILE B 285 17.58 36.06 12.86
CA ILE B 285 18.29 37.29 12.55
C ILE B 285 18.07 37.62 11.06
N MET B 286 17.81 38.89 10.80
CA MET B 286 17.73 39.48 9.48
C MET B 286 18.57 40.75 9.43
N PRO B 287 19.09 41.10 8.25
CA PRO B 287 19.66 42.43 8.03
C PRO B 287 18.52 43.43 7.80
N LYS B 288 18.60 44.62 8.39
CA LYS B 288 17.58 45.64 8.15
C LYS B 288 18.19 46.83 7.36
N LYS B 289 19.52 46.84 7.16
CA LYS B 289 20.18 47.91 6.41
C LYS B 289 21.57 47.47 5.96
N VAL B 290 21.84 47.66 4.66
CA VAL B 290 23.16 47.54 4.10
C VAL B 290 23.84 48.89 4.22
N VAL B 291 24.72 49.03 5.22
CA VAL B 291 25.14 50.39 5.54
C VAL B 291 26.33 50.78 4.64
N ARG B 292 27.38 49.96 4.50
CA ARG B 292 28.54 50.41 3.69
C ARG B 292 29.37 49.22 3.17
N LEU B 293 30.15 49.50 2.12
CA LEU B 293 31.05 48.53 1.55
C LEU B 293 32.49 49.02 1.74
N ILE B 294 33.35 48.13 2.25
CA ILE B 294 34.76 48.43 2.57
C ILE B 294 35.70 47.61 1.67
N ALA B 295 36.53 48.30 0.88
CA ALA B 295 37.57 47.67 0.02
C ALA B 295 38.96 47.79 0.67
N LYS B 296 39.64 46.64 0.82
CA LYS B 296 41.04 46.61 1.25
C LYS B 296 41.88 45.87 0.19
N GLY B 297 43.18 46.16 0.21
CA GLY B 297 44.13 45.69 -0.79
C GLY B 297 44.20 46.64 -1.98
N LYS B 298 44.81 46.16 -3.06
CA LYS B 298 44.98 46.91 -4.30
C LYS B 298 44.06 46.27 -5.35
N GLY B 299 43.21 47.06 -5.99
CA GLY B 299 42.38 46.52 -7.04
C GLY B 299 41.43 47.53 -7.64
N PHE B 300 40.41 46.97 -8.29
CA PHE B 300 39.46 47.66 -9.14
C PHE B 300 38.06 47.09 -8.87
N LEU B 301 37.07 47.95 -9.09
CA LEU B 301 35.71 47.81 -8.59
C LEU B 301 34.83 48.55 -9.58
N ASP B 302 33.67 47.98 -9.93
CA ASP B 302 32.79 48.63 -10.90
C ASP B 302 31.37 48.08 -10.71
N ASN B 303 30.39 48.85 -11.19
CA ASN B 303 28.98 48.45 -11.26
C ASN B 303 28.50 47.96 -9.89
N ILE B 304 28.73 48.75 -8.84
CA ILE B 304 28.32 48.37 -7.50
C ILE B 304 26.80 48.57 -7.38
N THR B 305 26.11 47.52 -6.90
CA THR B 305 24.65 47.41 -7.05
C THR B 305 24.03 46.69 -5.83
N ILE B 306 22.78 47.04 -5.50
CA ILE B 306 21.95 46.24 -4.57
C ILE B 306 20.57 46.04 -5.20
N SER B 307 20.10 44.79 -5.16
CA SER B 307 18.90 44.34 -5.90
C SER B 307 18.00 43.49 -5.00
N THR B 308 16.70 43.48 -5.31
CA THR B 308 15.77 42.64 -4.54
C THR B 308 16.15 41.16 -4.73
N THR B 309 16.50 40.82 -5.98
CA THR B 309 16.83 39.45 -6.40
C THR B 309 17.86 39.46 -7.54
N ALA B 310 18.53 38.33 -7.71
CA ALA B 310 19.43 38.12 -8.82
C ALA B 310 19.35 36.63 -9.20
N HIS B 311 18.20 36.27 -9.75
CA HIS B 311 17.89 34.89 -10.07
C HIS B 311 18.88 34.36 -11.12
N MET B 312 19.15 35.12 -12.17
CA MET B 312 19.85 34.54 -13.27
C MET B 312 21.33 34.31 -12.93
N ALA B 313 21.89 35.13 -12.05
CA ALA B 313 23.30 34.97 -11.69
C ALA B 313 23.47 33.62 -10.98
N ALA B 314 22.44 33.27 -10.18
CA ALA B 314 22.39 32.00 -9.51
C ALA B 314 22.26 30.84 -10.52
N PHE B 315 21.38 30.99 -11.50
CA PHE B 315 21.13 29.98 -12.47
C PHE B 315 22.45 29.68 -13.22
N PHE B 316 23.20 30.72 -13.59
CA PHE B 316 24.47 30.50 -14.34
C PHE B 316 25.58 30.02 -13.41
N ALA B 317 25.55 30.39 -12.13
CA ALA B 317 26.57 29.82 -11.22
C ALA B 317 26.37 28.29 -11.16
N ALA B 318 25.11 27.83 -11.11
CA ALA B 318 24.84 26.37 -11.09
C ALA B 318 25.28 25.73 -12.42
N SER B 319 24.92 26.39 -13.53
CA SER B 319 25.14 25.86 -14.85
C SER B 319 26.63 25.75 -15.10
N ASP B 320 27.38 26.81 -14.73
CA ASP B 320 28.80 26.88 -14.95
C ASP B 320 29.47 25.80 -14.08
N TRP B 321 28.99 25.65 -12.85
CA TRP B 321 29.59 24.67 -11.97
C TRP B 321 29.41 23.28 -12.59
N LEU B 322 28.25 23.02 -13.22
CA LEU B 322 27.97 21.68 -13.75
C LEU B 322 28.90 21.39 -14.95
N VAL B 323 29.10 22.38 -15.81
CA VAL B 323 30.00 22.21 -16.94
C VAL B 323 31.41 21.85 -16.44
N ARG B 324 31.87 22.59 -15.43
CA ARG B 324 33.28 22.54 -15.03
C ARG B 324 33.54 21.26 -14.21
N ASN B 325 32.48 20.62 -13.69
CA ASN B 325 32.68 19.55 -12.68
C ASN B 325 32.24 18.18 -13.21
N GLN B 326 31.69 18.11 -14.42
CA GLN B 326 31.36 16.89 -15.08
C GLN B 326 32.63 16.07 -15.29
N ASP B 327 32.57 14.73 -15.14
CA ASP B 327 33.73 13.88 -15.40
C ASP B 327 33.62 13.31 -16.82
N GLU B 328 34.61 12.51 -17.20
CA GLU B 328 34.75 11.99 -18.56
C GLU B 328 33.69 10.92 -18.85
N LYS B 329 33.10 10.30 -17.81
CA LYS B 329 32.00 9.40 -18.03
C LYS B 329 30.67 10.20 -18.14
N GLY B 330 30.73 11.53 -17.96
CA GLY B 330 29.58 12.43 -18.16
C GLY B 330 28.80 12.62 -16.88
N GLY B 331 29.41 12.14 -15.81
CA GLY B 331 28.78 12.04 -14.53
C GLY B 331 29.16 13.21 -13.65
N TRP B 332 28.34 13.43 -12.62
CA TRP B 332 28.71 14.29 -11.46
C TRP B 332 28.86 13.36 -10.27
N PRO B 333 30.08 12.88 -9.95
CA PRO B 333 30.25 11.87 -8.91
C PRO B 333 29.91 12.52 -7.56
N ILE B 334 29.28 11.72 -6.72
CA ILE B 334 28.90 12.14 -5.39
C ILE B 334 29.93 11.58 -4.42
N MET B 335 30.66 12.51 -3.80
CA MET B 335 31.86 12.26 -3.06
C MET B 335 31.54 12.14 -1.57
N VAL B 336 30.62 11.22 -1.25
CA VAL B 336 30.25 10.94 0.11
C VAL B 336 29.72 9.50 0.18
N THR B 337 29.91 8.85 1.34
CA THR B 337 29.41 7.49 1.54
C THR B 337 27.89 7.60 1.74
N ARG B 338 27.16 6.71 1.07
CA ARG B 338 25.71 6.66 1.15
C ARG B 338 25.28 5.24 1.50
N LYS B 339 24.72 5.09 2.70
CA LYS B 339 24.24 3.82 3.19
C LYS B 339 22.71 3.89 3.21
N LEU B 340 22.08 3.18 2.28
CA LEU B 340 20.67 3.38 2.04
C LEU B 340 19.84 2.67 3.12
N GLY B 341 20.39 1.61 3.72
CA GLY B 341 19.75 0.89 4.81
C GLY B 341 20.13 -0.60 4.85
N GLU B 342 19.71 -1.25 5.94
CA GLU B 342 19.95 -2.64 6.16
C GLU B 342 19.54 -3.42 4.91
N GLY B 343 20.54 -4.10 4.32
CA GLY B 343 20.36 -4.99 3.18
C GLY B 343 20.99 -4.44 1.90
N PHE B 344 21.19 -3.12 1.81
CA PHE B 344 21.89 -2.53 0.68
C PHE B 344 23.37 -2.36 1.02
N LYS B 345 24.25 -2.69 0.10
CA LYS B 345 25.66 -2.46 0.30
C LYS B 345 25.89 -0.95 0.42
N SER B 346 26.94 -0.56 1.15
CA SER B 346 27.30 0.84 1.26
C SER B 346 27.86 1.33 -0.09
N LEU B 347 27.50 2.53 -0.52
CA LEU B 347 28.08 3.14 -1.76
C LEU B 347 29.29 4.00 -1.38
N GLU B 348 30.47 3.58 -1.84
CA GLU B 348 31.72 4.31 -1.66
C GLU B 348 31.60 5.67 -2.35
N PRO B 349 32.33 6.70 -1.89
CA PRO B 349 32.33 7.99 -2.59
C PRO B 349 32.66 7.76 -4.06
N GLY B 350 32.02 8.54 -4.93
CA GLY B 350 32.22 8.49 -6.38
C GLY B 350 31.01 7.94 -7.15
N TRP B 351 29.94 7.52 -6.46
CA TRP B 351 28.77 6.94 -7.11
C TRP B 351 28.05 8.04 -7.89
N TYR B 352 27.30 7.65 -8.92
CA TYR B 352 26.43 8.56 -9.69
C TYR B 352 24.97 8.35 -9.29
N SER B 353 24.14 9.35 -9.62
CA SER B 353 22.71 9.35 -9.33
C SER B 353 21.96 9.79 -10.58
N ALA B 354 20.97 8.98 -11.01
CA ALA B 354 20.16 9.36 -12.14
C ALA B 354 19.39 10.66 -11.84
N MET B 355 19.13 10.97 -10.58
CA MET B 355 18.42 12.19 -10.28
C MET B 355 19.35 13.36 -10.59
N ALA B 356 20.61 13.21 -10.18
CA ALA B 356 21.64 14.25 -10.44
C ALA B 356 21.76 14.47 -11.94
N GLN B 357 21.85 13.36 -12.71
CA GLN B 357 22.07 13.47 -14.14
C GLN B 357 20.89 14.24 -14.74
N GLY B 358 19.65 13.84 -14.38
CA GLY B 358 18.46 14.43 -14.99
C GLY B 358 18.32 15.90 -14.65
N GLN B 359 18.50 16.22 -13.38
CA GLN B 359 18.36 17.58 -12.90
C GLN B 359 19.46 18.47 -13.54
N ALA B 360 20.70 17.95 -13.57
CA ALA B 360 21.80 18.63 -14.28
C ALA B 360 21.38 18.93 -15.72
N ILE B 361 20.81 17.92 -16.40
CA ILE B 361 20.50 18.05 -17.82
C ILE B 361 19.41 19.12 -17.98
N SER B 362 18.38 19.10 -17.14
CA SER B 362 17.34 20.12 -17.16
C SER B 362 17.95 21.52 -16.99
N THR B 363 18.96 21.63 -16.15
CA THR B 363 19.62 22.89 -15.91
C THR B 363 20.39 23.32 -17.16
N LEU B 364 21.19 22.37 -17.70
CA LEU B 364 22.07 22.66 -18.81
C LEU B 364 21.27 22.99 -20.07
N VAL B 365 20.12 22.33 -20.22
CA VAL B 365 19.32 22.53 -21.41
C VAL B 365 18.78 23.96 -21.41
N ARG B 366 18.31 24.38 -20.25
CA ARG B 366 17.87 25.75 -20.10
C ARG B 366 19.03 26.73 -20.32
N ALA B 367 20.22 26.43 -19.84
CA ALA B 367 21.35 27.36 -20.08
C ALA B 367 21.59 27.44 -21.59
N TYR B 368 21.43 26.30 -22.27
CA TYR B 368 21.69 26.27 -23.69
C TYR B 368 20.63 27.10 -24.44
N LEU B 369 19.35 26.89 -24.11
CA LEU B 369 18.27 27.58 -24.82
C LEU B 369 18.40 29.10 -24.64
N LEU B 370 18.85 29.59 -23.48
CA LEU B 370 19.04 31.01 -23.28
C LEU B 370 20.20 31.61 -24.09
N THR B 371 21.36 30.94 -24.10
CA THR B 371 22.66 31.51 -24.57
C THR B 371 23.01 31.03 -25.98
N LYS B 372 22.46 29.89 -26.39
CA LYS B 372 22.84 29.20 -27.66
C LYS B 372 24.32 28.78 -27.62
N ASP B 373 24.87 28.66 -26.42
CA ASP B 373 26.23 28.26 -26.24
C ASP B 373 26.25 26.73 -26.16
N HIS B 374 26.81 26.12 -27.21
CA HIS B 374 26.79 24.67 -27.43
C HIS B 374 27.58 23.90 -26.36
N ILE B 375 28.40 24.58 -25.56
CA ILE B 375 29.08 23.92 -24.42
C ILE B 375 28.05 23.30 -23.45
N PHE B 376 26.91 23.98 -23.29
CA PHE B 376 25.87 23.56 -22.38
C PHE B 376 25.19 22.31 -22.95
N LEU B 377 24.87 22.35 -24.24
CA LEU B 377 24.18 21.30 -24.84
C LEU B 377 25.07 20.04 -24.88
N ASN B 378 26.36 20.25 -25.14
CA ASN B 378 27.30 19.16 -25.22
C ASN B 378 27.50 18.53 -23.83
N SER B 379 27.49 19.34 -22.79
CA SER B 379 27.60 18.82 -21.45
C SER B 379 26.34 17.97 -21.11
N ALA B 380 25.17 18.46 -21.51
CA ALA B 380 23.91 17.73 -21.32
C ALA B 380 23.96 16.39 -22.06
N LEU B 381 24.43 16.38 -23.31
CA LEU B 381 24.47 15.17 -24.15
C LEU B 381 25.37 14.11 -23.54
N ARG B 382 26.50 14.54 -22.96
CA ARG B 382 27.42 13.64 -22.27
C ARG B 382 26.74 13.03 -21.04
N ALA B 383 25.80 13.74 -20.43
CA ALA B 383 25.25 13.35 -19.18
C ALA B 383 24.30 12.15 -19.33
N THR B 384 23.93 11.76 -20.55
CA THR B 384 23.13 10.56 -20.72
C THR B 384 23.95 9.28 -20.57
N ALA B 385 25.29 9.35 -20.63
CA ALA B 385 26.06 8.10 -20.72
C ALA B 385 25.80 7.18 -19.52
N PRO B 386 25.83 7.67 -18.26
CA PRO B 386 25.66 6.78 -17.12
C PRO B 386 24.32 5.99 -17.12
N TYR B 387 23.29 6.51 -17.81
CA TYR B 387 22.01 5.81 -17.98
C TYR B 387 22.19 4.49 -18.73
N LYS B 388 23.31 4.31 -19.48
CA LYS B 388 23.48 3.15 -20.35
C LYS B 388 24.15 1.98 -19.62
N PHE B 389 24.76 2.25 -18.45
CA PHE B 389 25.59 1.26 -17.77
C PHE B 389 24.96 0.87 -16.43
N LEU B 390 25.04 -0.41 -16.07
CA LEU B 390 24.45 -0.90 -14.86
C LEU B 390 25.22 -0.29 -13.70
N SER B 391 24.57 -0.31 -12.53
CA SER B 391 25.15 0.18 -11.29
C SER B 391 26.54 -0.41 -11.03
N GLU B 392 26.69 -1.73 -11.22
CA GLU B 392 27.94 -2.42 -10.87
CA GLU B 392 27.91 -2.50 -10.93
C GLU B 392 29.05 -2.15 -11.90
N GLN B 393 28.75 -1.45 -13.01
CA GLN B 393 29.83 -0.95 -13.90
C GLN B 393 29.86 0.58 -13.90
N HIS B 394 29.52 1.15 -12.74
CA HIS B 394 29.62 2.58 -12.41
C HIS B 394 28.69 3.42 -13.30
N GLY B 395 27.54 2.85 -13.63
CA GLY B 395 26.39 3.63 -14.17
C GLY B 395 25.25 3.75 -13.17
N VAL B 396 24.06 4.07 -13.68
CA VAL B 396 22.85 4.27 -12.87
C VAL B 396 21.70 3.39 -13.38
N LYS B 397 21.94 2.44 -14.29
CA LYS B 397 20.86 1.64 -14.82
C LYS B 397 20.64 0.43 -13.92
N ALA B 398 19.35 0.10 -13.75
CA ALA B 398 18.94 -1.11 -13.12
C ALA B 398 17.85 -1.71 -14.01
N VAL B 399 17.64 -3.01 -13.85
CA VAL B 399 16.65 -3.70 -14.64
C VAL B 399 15.73 -4.43 -13.65
N PHE B 400 14.44 -4.15 -13.74
CA PHE B 400 13.46 -4.79 -12.85
C PHE B 400 13.07 -6.15 -13.44
N MET B 401 13.42 -7.21 -12.72
CA MET B 401 12.99 -8.59 -13.11
C MET B 401 13.31 -8.89 -14.57
N ASN B 402 14.54 -8.58 -15.01
CA ASN B 402 15.00 -8.94 -16.33
CA ASN B 402 15.05 -8.88 -16.36
C ASN B 402 14.08 -8.38 -17.42
N LYS B 403 13.29 -7.31 -17.12
CA LYS B 403 12.27 -6.83 -18.08
C LYS B 403 12.22 -5.30 -18.26
N HIS B 404 12.32 -4.48 -17.22
CA HIS B 404 12.10 -3.04 -17.36
C HIS B 404 13.34 -2.24 -16.98
N ASP B 405 13.89 -1.49 -17.93
CA ASP B 405 14.98 -0.56 -17.58
C ASP B 405 14.48 0.51 -16.59
N TRP B 406 15.38 0.89 -15.71
CA TRP B 406 15.21 1.91 -14.74
C TRP B 406 16.52 2.67 -14.53
N TYR B 407 16.40 3.94 -14.10
CA TYR B 407 17.52 4.83 -13.84
C TYR B 407 17.45 5.21 -12.35
N GLU B 408 18.48 4.79 -11.59
CA GLU B 408 18.55 4.70 -10.17
C GLU B 408 19.06 5.99 -9.54
N GLU B 409 18.23 6.58 -8.66
CA GLU B 409 18.61 7.64 -7.83
C GLU B 409 19.82 7.21 -6.98
N TYR B 410 19.76 5.99 -6.42
CA TYR B 410 20.79 5.36 -5.59
C TYR B 410 21.18 4.02 -6.22
N PRO B 411 22.34 3.92 -6.90
CA PRO B 411 22.68 2.73 -7.71
C PRO B 411 23.19 1.57 -6.84
N THR B 412 22.28 1.02 -6.06
CA THR B 412 22.59 0.14 -4.96
C THR B 412 22.63 -1.27 -5.51
N THR B 413 23.25 -2.16 -4.75
CA THR B 413 23.15 -3.56 -4.87
C THR B 413 22.58 -4.10 -3.56
N PRO B 414 21.44 -4.81 -3.62
CA PRO B 414 20.56 -4.87 -4.77
C PRO B 414 19.97 -3.50 -5.17
N SER B 415 19.38 -3.47 -6.36
CA SER B 415 18.74 -2.29 -6.91
C SER B 415 17.62 -1.84 -5.96
N SER B 416 17.31 -0.54 -5.98
CA SER B 416 16.47 0.07 -5.00
C SER B 416 15.16 0.59 -5.61
N PHE B 417 15.23 1.14 -6.82
CA PHE B 417 14.03 1.56 -7.61
C PHE B 417 13.24 2.68 -6.91
N VAL B 418 13.94 3.72 -6.49
CA VAL B 418 13.36 4.91 -5.92
C VAL B 418 12.56 5.62 -7.01
N LEU B 419 11.30 5.94 -6.72
CA LEU B 419 10.38 6.42 -7.73
C LEU B 419 10.74 7.84 -8.19
N ASN B 420 10.89 8.77 -7.25
CA ASN B 420 10.87 10.20 -7.62
C ASN B 420 12.16 10.56 -8.38
N GLY B 421 13.29 10.01 -7.97
CA GLY B 421 14.52 10.28 -8.69
C GLY B 421 14.47 9.78 -10.13
N PHE B 422 13.73 8.68 -10.34
CA PHE B 422 13.58 8.11 -11.66
C PHE B 422 12.81 9.08 -12.53
N MET B 423 11.69 9.58 -11.99
CA MET B 423 10.90 10.52 -12.76
C MET B 423 11.74 11.79 -13.07
N TYR B 424 12.59 12.23 -12.14
CA TYR B 424 13.41 13.40 -12.43
C TYR B 424 14.41 13.06 -13.56
N SER B 425 14.91 11.83 -13.58
CA SER B 425 15.85 11.37 -14.59
C SER B 425 15.18 11.44 -15.97
N LEU B 426 13.85 11.19 -16.01
CA LEU B 426 13.10 11.16 -17.26
C LEU B 426 12.77 12.57 -17.75
N ILE B 427 12.49 13.50 -16.84
CA ILE B 427 12.18 14.86 -17.29
C ILE B 427 13.45 15.48 -17.90
N GLY B 428 14.62 15.15 -17.37
CA GLY B 428 15.89 15.61 -17.99
C GLY B 428 16.04 15.07 -19.41
N LEU B 429 15.79 13.78 -19.59
CA LEU B 429 15.92 13.22 -20.91
C LEU B 429 14.91 13.87 -21.86
N TYR B 430 13.72 14.15 -21.37
CA TYR B 430 12.74 14.83 -22.16
C TYR B 430 13.27 16.21 -22.60
N ASP B 431 13.76 17.01 -21.64
CA ASP B 431 14.30 18.34 -21.94
C ASP B 431 15.34 18.20 -23.08
N LEU B 432 16.18 17.16 -22.99
CA LEU B 432 17.29 17.02 -23.90
C LEU B 432 16.81 16.56 -25.27
N LYS B 433 15.89 15.59 -25.31
CA LYS B 433 15.47 15.04 -26.59
C LYS B 433 14.69 16.11 -27.35
N GLU B 434 13.95 16.98 -26.65
CA GLU B 434 13.21 18.01 -27.33
C GLU B 434 14.12 19.13 -27.82
N THR B 435 15.32 19.23 -27.27
CA THR B 435 16.15 20.36 -27.54
C THR B 435 17.28 19.99 -28.51
N ALA B 436 17.80 18.76 -28.46
CA ALA B 436 19.09 18.43 -29.10
C ALA B 436 18.95 18.29 -30.62
N GLY B 437 17.76 18.06 -31.14
CA GLY B 437 17.57 17.81 -32.57
C GLY B 437 17.60 16.32 -32.86
N GLU B 438 17.16 15.95 -34.06
CA GLU B 438 16.92 14.54 -34.43
C GLU B 438 18.21 13.72 -34.23
N LYS B 439 19.32 14.15 -34.84
CA LYS B 439 20.50 13.31 -34.85
C LYS B 439 21.16 13.26 -33.45
N LEU B 440 21.43 14.42 -32.86
CA LEU B 440 22.14 14.44 -31.59
C LEU B 440 21.22 13.90 -30.46
N GLY B 441 19.91 14.02 -30.64
CA GLY B 441 18.96 13.62 -29.61
C GLY B 441 18.71 12.11 -29.52
N LYS B 442 19.29 11.33 -30.43
CA LYS B 442 18.85 9.94 -30.64
C LYS B 442 18.84 9.13 -29.34
N GLU B 443 19.97 9.16 -28.63
CA GLU B 443 20.25 8.44 -27.43
C GLU B 443 19.27 8.87 -26.31
N ALA B 444 19.08 10.19 -26.15
CA ALA B 444 18.19 10.67 -25.16
C ALA B 444 16.77 10.17 -25.45
N ARG B 445 16.40 10.11 -26.73
CA ARG B 445 15.07 9.77 -27.18
C ARG B 445 14.84 8.30 -26.78
N SER B 446 15.86 7.48 -26.99
CA SER B 446 15.78 6.08 -26.77
C SER B 446 15.69 5.77 -25.25
N LEU B 447 16.51 6.45 -24.45
CA LEU B 447 16.50 6.27 -23.00
C LEU B 447 15.19 6.75 -22.40
N TYR B 448 14.62 7.82 -22.99
CA TYR B 448 13.36 8.37 -22.50
C TYR B 448 12.23 7.40 -22.78
N GLU B 449 12.20 6.86 -24.01
CA GLU B 449 11.12 6.02 -24.47
C GLU B 449 11.09 4.74 -23.64
N ARG B 450 12.27 4.17 -23.40
CA ARG B 450 12.35 2.94 -22.63
C ARG B 450 11.97 3.20 -21.16
N GLY B 451 12.43 4.30 -20.60
CA GLY B 451 12.10 4.68 -19.25
C GLY B 451 10.60 4.90 -19.03
N MET B 452 9.93 5.61 -19.95
CA MET B 452 8.55 5.93 -19.79
C MET B 452 7.69 4.65 -19.86
N GLU B 453 8.12 3.67 -20.66
CA GLU B 453 7.49 2.35 -20.70
C GLU B 453 7.60 1.70 -19.32
N SER B 454 8.79 1.78 -18.70
CA SER B 454 9.03 1.15 -17.44
C SER B 454 8.14 1.81 -16.37
N LEU B 455 8.06 3.14 -16.42
CA LEU B 455 7.29 3.89 -15.45
C LEU B 455 5.83 3.47 -15.48
N LYS B 456 5.23 3.44 -16.67
CA LYS B 456 3.85 3.14 -16.81
C LYS B 456 3.53 1.73 -16.28
N ALA B 457 4.42 0.78 -16.55
CA ALA B 457 4.26 -0.60 -16.14
C ALA B 457 4.41 -0.75 -14.62
N MET B 458 5.33 0.01 -14.03
CA MET B 458 5.71 -0.25 -12.65
C MET B 458 5.00 0.71 -11.67
N LEU B 459 4.33 1.76 -12.16
CA LEU B 459 3.69 2.69 -11.24
C LEU B 459 2.86 1.95 -10.19
N PRO B 460 2.05 0.94 -10.55
CA PRO B 460 1.10 0.39 -9.58
C PRO B 460 1.83 -0.21 -8.39
N LEU B 461 3.14 -0.51 -8.48
CA LEU B 461 3.81 -1.18 -7.35
C LEU B 461 4.11 -0.15 -6.26
N TYR B 462 3.99 1.14 -6.56
CA TYR B 462 4.25 2.16 -5.60
C TYR B 462 2.95 2.67 -4.95
N ASP B 463 1.82 2.07 -5.30
CA ASP B 463 0.53 2.55 -4.84
C ASP B 463 0.02 1.62 -3.74
N THR B 464 -0.12 2.13 -2.50
CA THR B 464 -0.54 1.30 -1.37
C THR B 464 -2.05 1.17 -1.28
N GLY B 465 -2.77 1.95 -2.06
CA GLY B 465 -4.21 2.17 -1.82
C GLY B 465 -4.52 3.33 -0.87
N SER B 466 -3.56 3.89 -0.13
CA SER B 466 -3.85 5.15 0.69
C SER B 466 -2.64 6.08 0.79
N GLY B 467 -1.71 5.95 -0.16
CA GLY B 467 -0.40 6.57 -0.13
C GLY B 467 0.49 6.00 -1.22
N THR B 468 1.77 6.38 -1.20
CA THR B 468 2.73 5.82 -2.08
C THR B 468 3.92 5.32 -1.28
N ILE B 469 4.65 4.40 -1.92
CA ILE B 469 5.87 3.88 -1.39
C ILE B 469 7.02 4.67 -2.06
N TYR B 470 8.15 4.82 -1.37
CA TYR B 470 9.28 5.60 -1.86
C TYR B 470 10.09 4.80 -2.86
N ASP B 471 10.19 3.50 -2.61
CA ASP B 471 11.11 2.62 -3.31
C ASP B 471 10.57 1.19 -3.24
N LEU B 472 11.25 0.23 -3.88
CA LEU B 472 10.78 -1.11 -3.91
C LEU B 472 11.64 -2.00 -3.00
N ARG B 473 12.21 -1.44 -1.92
CA ARG B 473 13.11 -2.23 -1.07
C ARG B 473 12.35 -3.39 -0.42
N HIS B 474 11.03 -3.28 -0.26
CA HIS B 474 10.28 -4.33 0.39
C HIS B 474 10.39 -5.63 -0.41
N PHE B 475 10.30 -5.51 -1.72
CA PHE B 475 10.40 -6.62 -2.66
C PHE B 475 11.86 -7.05 -2.85
N MET B 476 12.78 -6.08 -2.85
CA MET B 476 14.18 -6.44 -3.16
C MET B 476 14.85 -7.09 -1.96
N LEU B 477 14.36 -6.80 -0.73
CA LEU B 477 15.01 -7.33 0.45
C LEU B 477 14.08 -8.21 1.30
N GLY B 478 12.80 -8.31 0.98
CA GLY B 478 11.81 -9.07 1.80
C GLY B 478 11.50 -8.45 3.16
N ILE B 479 11.09 -7.18 3.15
CA ILE B 479 10.93 -6.39 4.41
C ILE B 479 9.70 -5.48 4.27
N ALA B 480 9.37 -4.76 5.32
CA ALA B 480 8.22 -3.87 5.26
C ALA B 480 8.42 -2.83 4.16
N PRO B 481 7.34 -2.32 3.53
CA PRO B 481 7.47 -1.21 2.59
C PRO B 481 8.00 0.06 3.25
N ASN B 482 8.83 0.80 2.50
CA ASN B 482 9.34 2.17 2.87
C ASN B 482 8.33 3.21 2.39
N LEU B 483 7.29 3.39 3.17
CA LEU B 483 6.24 4.30 2.80
C LEU B 483 6.80 5.70 2.57
N ALA B 484 6.34 6.37 1.52
CA ALA B 484 6.76 7.75 1.23
C ALA B 484 6.05 8.70 2.19
N ARG B 485 6.81 9.50 2.93
CA ARG B 485 6.17 10.58 3.71
C ARG B 485 5.43 11.49 2.75
N TRP B 486 4.49 12.27 3.28
CA TRP B 486 3.55 13.08 2.43
C TRP B 486 4.30 14.06 1.51
N ASP B 487 5.46 14.60 1.90
CA ASP B 487 6.15 15.62 1.03
C ASP B 487 6.71 14.88 -0.18
N PHE B 488 7.12 13.64 -0.01
CA PHE B 488 7.43 12.79 -1.23
C PHE B 488 6.14 12.37 -1.99
N HIS B 489 5.03 12.12 -1.27
CA HIS B 489 3.79 11.78 -1.96
C HIS B 489 3.36 12.90 -2.91
N THR B 490 3.48 14.16 -2.47
CA THR B 490 3.11 15.31 -3.32
C THR B 490 4.17 15.52 -4.43
N THR B 491 5.45 15.32 -4.14
CA THR B 491 6.43 15.26 -5.20
C THR B 491 5.94 14.26 -6.26
N HIS B 492 5.54 13.06 -5.83
CA HIS B 492 5.15 12.03 -6.81
C HIS B 492 4.03 12.55 -7.69
N ILE B 493 3.03 13.18 -7.06
CA ILE B 493 1.91 13.78 -7.79
C ILE B 493 2.42 14.87 -8.73
N ASN B 494 3.23 15.79 -8.21
CA ASN B 494 3.74 16.90 -9.02
C ASN B 494 4.43 16.36 -10.29
N GLN B 495 5.21 15.27 -10.15
CA GLN B 495 5.99 14.69 -11.22
C GLN B 495 5.06 14.06 -12.26
N LEU B 496 4.05 13.34 -11.79
CA LEU B 496 3.13 12.59 -12.67
C LEU B 496 2.23 13.58 -13.40
N GLN B 497 1.85 14.69 -12.74
CA GLN B 497 0.97 15.67 -13.37
C GLN B 497 1.75 16.39 -14.48
N LEU B 498 3.03 16.64 -14.24
CA LEU B 498 3.91 17.20 -15.30
C LEU B 498 3.99 16.20 -16.46
N LEU B 499 4.28 14.93 -16.16
CA LEU B 499 4.39 13.92 -17.22
C LEU B 499 3.06 13.81 -17.95
N SER B 500 1.95 14.00 -17.26
CA SER B 500 0.65 13.90 -17.91
C SER B 500 0.42 15.01 -18.95
N THR B 501 1.20 16.10 -18.95
CA THR B 501 1.10 17.12 -20.00
C THR B 501 2.04 16.90 -21.21
N ILE B 502 2.93 15.91 -21.17
CA ILE B 502 3.84 15.64 -22.32
C ILE B 502 3.66 14.22 -22.83
N ASP B 503 2.78 13.44 -22.20
CA ASP B 503 2.45 12.08 -22.60
C ASP B 503 0.96 11.86 -22.32
N GLU B 504 0.21 11.45 -23.35
CA GLU B 504 -1.24 11.48 -23.28
C GLU B 504 -1.79 10.19 -22.67
N SER B 505 -0.95 9.30 -22.10
CA SER B 505 -1.40 8.02 -21.56
C SER B 505 -2.41 8.22 -20.43
N PRO B 506 -3.59 7.58 -20.52
CA PRO B 506 -4.57 7.62 -19.42
C PRO B 506 -4.02 7.28 -18.03
N VAL B 507 -3.07 6.36 -17.97
CA VAL B 507 -2.61 5.92 -16.68
C VAL B 507 -2.07 7.09 -15.84
N PHE B 508 -1.40 8.08 -16.44
CA PHE B 508 -0.88 9.12 -15.64
C PHE B 508 -2.03 9.96 -15.05
N LYS B 509 -3.05 10.23 -15.84
CA LYS B 509 -4.17 11.03 -15.38
C LYS B 509 -4.98 10.28 -14.31
N GLU B 510 -5.21 8.98 -14.49
CA GLU B 510 -5.96 8.19 -13.50
C GLU B 510 -5.20 8.15 -12.17
N PHE B 511 -3.87 7.97 -12.23
CA PHE B 511 -3.08 7.88 -10.98
C PHE B 511 -3.00 9.24 -10.26
N VAL B 512 -2.79 10.33 -11.01
CA VAL B 512 -2.77 11.64 -10.43
C VAL B 512 -4.09 11.89 -9.68
N LYS B 513 -5.19 11.48 -10.28
CA LYS B 513 -6.50 11.75 -9.68
C LYS B 513 -6.59 10.95 -8.36
N ARG B 514 -6.20 9.67 -8.38
CA ARG B 514 -6.32 8.86 -7.20
C ARG B 514 -5.34 9.35 -6.14
N TRP B 515 -4.07 9.52 -6.53
CA TRP B 515 -3.06 9.92 -5.57
C TRP B 515 -3.40 11.28 -4.93
N LYS B 516 -4.03 12.22 -5.63
CA LYS B 516 -4.55 13.46 -4.99
C LYS B 516 -5.63 13.14 -3.94
N SER B 517 -6.50 12.17 -4.19
CA SER B 517 -7.61 11.90 -3.28
C SER B 517 -7.08 11.37 -1.94
N TYR B 518 -5.88 10.77 -1.95
CA TYR B 518 -5.27 10.18 -0.76
C TYR B 518 -4.88 11.29 0.23
N LEU B 519 -4.57 12.48 -0.29
CA LEU B 519 -4.24 13.62 0.54
C LEU B 519 -5.43 13.99 1.39
N LYS B 520 -6.66 13.67 0.97
CA LYS B 520 -7.91 14.03 1.68
C LYS B 520 -8.54 12.81 2.36
N GLY B 521 -7.75 11.76 2.57
CA GLY B 521 -8.23 10.57 3.27
C GLY B 521 -9.02 9.58 2.43
N SER B 522 -9.24 9.79 1.13
CA SER B 522 -9.74 8.71 0.26
C SER B 522 -8.76 7.52 0.25
N ARG B 523 -9.33 6.35 -0.06
CA ARG B 523 -8.70 5.03 -0.08
CA ARG B 523 -8.64 5.08 -0.14
C ARG B 523 -9.23 4.28 -1.32
N ALA B 524 -8.41 3.47 -1.98
CA ALA B 524 -8.98 2.49 -2.93
C ALA B 524 -10.03 1.62 -2.23
N LYS B 525 -11.04 1.18 -2.97
CA LYS B 525 -12.04 0.21 -2.47
C LYS B 525 -11.36 -1.11 -2.06
N HIS B 526 -11.78 -1.66 -0.92
CA HIS B 526 -11.44 -3.05 -0.53
C HIS B 526 -12.43 -4.01 -1.20
N ASN B 527 -12.07 -5.29 -1.32
CA ASN B 527 -12.98 -6.23 -2.00
C ASN B 527 -14.14 -6.59 -1.05
C1 GNS C . -21.50 -6.63 -9.77
C2 GNS C . -21.86 -7.98 -9.12
N2 GNS C . -23.25 -8.36 -9.38
S1 GNS C . -23.63 -9.16 -10.72
O1S GNS C . -23.15 -8.44 -11.85
O2S GNS C . -25.07 -9.29 -10.78
O3S GNS C . -22.97 -10.66 -10.72
C3 GNS C . -21.55 -7.92 -7.62
O3 GNS C . -21.92 -9.16 -6.98
C4 GNS C . -20.06 -7.67 -7.43
C5 GNS C . -19.51 -6.52 -8.31
O5 GNS C . -20.08 -6.44 -9.63
C6 GNS C . -18.00 -6.66 -8.49
O6 GNS C . -17.59 -5.73 -9.47
O4 GNS C . -19.82 -7.41 -6.02
O1 GNS C . -22.23 -5.56 -9.15
C1 IDR C . -18.50 -7.85 -5.61
C2 IDR C . -18.28 -7.64 -4.12
C3 IDR C . -17.19 -8.55 -3.61
C4 IDR C . -17.41 -10.03 -3.98
C5 IDR C . -18.55 -10.17 -4.98
C6 IDR C . -18.65 -11.54 -5.60
O2 IDR C . -17.82 -6.32 -3.88
O3 IDR C . -17.11 -8.34 -2.21
O4 IDR C . -16.22 -10.57 -4.63
O5 IDR C . -18.24 -9.20 -6.00
O6A IDR C . -18.88 -12.53 -4.87
O6B IDR C . -18.51 -11.67 -6.84
C1 GNS C . -15.10 -10.82 -3.75
C2 GNS C . -13.95 -11.51 -4.50
N2 GNS C . -13.64 -10.87 -5.80
S1 GNS C . -12.92 -9.43 -6.00
O1S GNS C . -12.62 -9.22 -7.59
O2S GNS C . -13.87 -8.40 -5.57
O3S GNS C . -11.73 -9.40 -5.21
C3 GNS C . -14.21 -12.98 -4.74
O3 GNS C . -13.05 -13.63 -5.25
C4 GNS C . -14.69 -13.66 -3.46
C5 GNS C . -15.88 -12.91 -2.87
O5 GNS C . -15.50 -11.56 -2.59
C6 GNS C . -16.53 -13.55 -1.62
O6 GNS C . -15.77 -13.19 -0.48
O4 GNS C . -15.11 -14.98 -3.79
C1 IDR C . -14.59 -15.98 -2.89
C2 IDR C . -15.20 -17.32 -3.32
C3 IDR C . -14.25 -18.51 -3.18
C4 IDR C . -13.27 -18.27 -2.03
C5 IDR C . -12.42 -17.10 -2.57
C6 IDR C . -11.15 -16.77 -1.83
O2 IDR C . -16.41 -17.54 -2.56
O3 IDR C . -13.57 -18.70 -4.46
O4 IDR C . -13.93 -18.05 -0.76
O5 IDR C . -13.16 -15.93 -2.87
O6A IDR C . -10.67 -17.59 -1.03
O6B IDR C . -10.60 -15.67 -2.14
C1 GNS C . -13.92 -19.20 0.14
C2 GNS C . -15.27 -19.33 0.86
N2 GNS C . -16.37 -19.27 -0.08
S1 GNS C . -17.28 -20.54 -0.43
O1S GNS C . -17.54 -20.44 -1.84
O2S GNS C . -18.70 -20.53 0.37
O3S GNS C . -16.68 -21.75 0.01
C3 GNS C . -15.45 -18.23 1.89
O3 GNS C . -16.68 -18.42 2.59
C4 GNS C . -14.25 -18.22 2.84
C5 GNS C . -12.96 -18.09 2.03
O5 GNS C . -12.87 -19.20 1.13
C6 GNS C . -11.67 -18.06 2.82
O6 GNS C . -11.43 -19.38 3.34
O4 GNS C . -14.42 -17.10 3.68
C1 IDR C . -14.21 -17.40 5.06
C2 IDR C . -13.92 -16.09 5.80
C3 IDR C . -14.14 -16.23 7.29
C4 IDR C . -15.58 -16.65 7.60
C5 IDR C . -16.26 -17.43 6.46
C6 IDR C . -17.33 -18.40 6.96
O2 IDR C . -12.57 -15.72 5.56
O3 IDR C . -13.91 -14.95 7.89
O4 IDR C . -15.60 -17.35 8.84
O5 IDR C . -15.30 -18.12 5.64
O6A IDR C . -17.05 -19.57 7.32
O6B IDR C . -18.50 -17.97 6.93
C1 GNS C . -15.52 -16.44 9.98
C2 GNS C . -15.82 -17.25 11.23
N2 GNS C . -14.84 -18.32 11.32
S1 GNS C . -13.58 -18.13 12.29
O1S GNS C . -12.90 -16.90 11.97
O2S GNS C . -12.64 -19.24 12.26
O3S GNS C . -14.17 -18.04 13.80
C3 GNS C . -17.27 -17.73 11.17
O3 GNS C . -17.58 -18.43 12.37
C4 GNS C . -18.23 -16.54 11.02
C5 GNS C . -17.79 -15.55 9.95
O5 GNS C . -16.38 -15.28 10.02
C6 GNS C . -18.56 -14.22 10.07
O6 GNS C . -18.43 -13.45 8.88
O4 GNS C . -19.56 -16.98 10.72
C1 IDR C . -20.50 -16.45 11.67
C2 IDR C . -21.94 -16.57 11.16
C3 IDR C . -22.86 -17.02 12.32
C4 IDR C . -22.40 -18.39 12.79
C5 IDR C . -20.87 -18.42 12.86
C6 IDR C . -20.34 -19.16 14.05
O2 IDR C . -22.35 -15.31 10.61
O3 IDR C . -24.24 -17.11 11.97
O4 IDR C . -23.03 -18.67 14.04
O5 IDR C . -20.36 -17.09 12.94
O6A IDR C . -19.69 -18.50 14.90
O6B IDR C . -20.58 -20.39 14.12
C1 NAG D . -15.96 -38.05 15.45
C2 NAG D . -17.01 -38.09 16.53
C3 NAG D . -16.85 -39.33 17.39
C4 NAG D . -16.80 -40.54 16.48
C5 NAG D . -15.71 -40.35 15.40
C6 NAG D . -15.59 -41.47 14.38
C7 NAG D . -17.43 -35.76 17.04
C8 NAG D . -17.16 -34.63 18.01
N2 NAG D . -16.82 -36.91 17.35
O3 NAG D . -17.92 -39.41 18.31
O4 NAG D . -16.57 -41.73 17.28
O5 NAG D . -16.07 -39.20 14.64
O6 NAG D . -16.78 -41.48 13.58
O7 NAG D . -18.16 -35.66 16.06
C1 NAG D . -17.46 -42.78 16.86
C2 NAG D . -16.95 -44.13 17.35
C3 NAG D . -17.95 -45.23 16.90
C4 NAG D . -19.44 -44.88 17.13
C5 NAG D . -19.75 -43.44 16.71
C6 NAG D . -21.16 -43.00 17.11
C7 NAG D . -14.44 -44.08 17.45
C8 NAG D . -13.17 -44.30 16.69
N2 NAG D . -15.60 -44.37 16.82
O3 NAG D . -17.63 -46.44 17.59
O4 NAG D . -20.34 -45.77 16.39
O5 NAG D . -18.80 -42.56 17.31
O6 NAG D . -21.76 -42.29 16.01
O7 NAG D . -14.41 -43.62 18.58
C1 BMA D . -20.86 -46.89 17.16
C2 BMA D . -22.31 -47.21 16.75
C3 BMA D . -22.86 -48.43 17.54
C4 BMA D . -21.85 -49.58 17.48
C5 BMA D . -20.41 -49.14 17.80
C6 BMA D . -19.33 -50.23 17.63
O2 BMA D . -22.36 -47.43 15.35
O3 BMA D . -24.17 -48.84 17.03
O4 BMA D . -22.26 -50.59 18.41
O5 BMA D . -20.08 -48.06 16.94
O6 BMA D . -18.11 -49.65 17.09
C1 MAN D . -25.33 -48.50 17.87
C2 MAN D . -26.51 -49.48 17.58
C3 MAN D . -27.20 -49.05 16.26
C4 MAN D . -27.46 -47.54 16.09
C5 MAN D . -26.23 -46.74 16.46
C6 MAN D . -26.53 -45.24 16.44
O2 MAN D . -27.48 -49.74 18.66
O3 MAN D . -28.44 -49.74 16.09
O4 MAN D . -27.82 -47.22 14.73
O5 MAN D . -25.76 -47.13 17.75
O6 MAN D . -25.32 -44.51 16.70
C1 NAG D . -27.22 -49.17 19.98
C2 NAG D . -28.35 -49.31 21.04
C3 NAG D . -28.02 -48.27 22.13
C4 NAG D . -26.61 -48.45 22.72
C5 NAG D . -25.54 -48.70 21.65
C6 NAG D . -24.22 -49.21 22.26
C7 NAG D . -30.83 -49.30 21.18
C8 NAG D . -32.15 -49.14 20.45
N2 NAG D . -29.69 -49.18 20.47
O3 NAG D . -28.96 -48.28 23.21
O4 NAG D . -26.23 -47.30 23.50
O5 NAG D . -26.05 -49.64 20.67
O6 NAG D . -23.10 -48.75 21.47
O7 NAG D . -30.83 -49.53 22.37
C1 MAN D . -16.85 -50.21 17.56
C2 MAN D . -16.55 -49.79 19.03
C3 MAN D . -15.45 -48.73 19.24
C4 MAN D . -14.28 -48.94 18.26
C5 MAN D . -14.85 -48.87 16.83
C6 MAN D . -13.72 -48.88 15.78
O2 MAN D . -16.23 -50.96 19.78
O3 MAN D . -14.95 -48.75 20.58
O4 MAN D . -13.26 -47.97 18.53
O5 MAN D . -15.78 -49.96 16.60
O6 MAN D . -14.22 -48.80 14.45
C1 NAG E . -28.25 -50.66 11.09
C2 NAG E . -27.90 -51.28 9.77
C3 NAG E . -27.28 -52.65 9.96
C4 NAG E . -26.04 -52.63 10.81
C5 NAG E . -26.43 -51.91 12.08
C6 NAG E . -25.16 -51.63 12.81
C7 NAG E . -29.03 -51.11 7.68
C8 NAG E . -30.20 -51.40 6.84
N2 NAG E . -29.08 -51.35 8.96
O3 NAG E . -26.88 -53.16 8.70
O4 NAG E . -25.65 -53.98 11.11
O5 NAG E . -27.08 -50.68 11.87
O6 NAG E . -25.52 -51.26 14.13
O7 NAG E . -28.07 -50.65 7.17
C1 NAG E . -24.27 -54.37 10.86
C2 NAG E . -23.85 -55.59 11.70
C3 NAG E . -22.38 -55.92 11.39
C4 NAG E . -22.15 -56.24 9.91
C5 NAG E . -22.77 -55.09 9.09
C6 NAG E . -22.78 -55.41 7.59
C7 NAG E . -25.03 -55.86 13.84
C8 NAG E . -24.95 -55.67 15.35
N2 NAG E . -23.97 -55.43 13.15
O3 NAG E . -21.94 -57.01 12.22
O4 NAG E . -20.72 -56.34 9.66
O5 NAG E . -24.11 -54.76 9.49
O6 NAG E . -24.03 -55.00 7.01
O7 NAG E . -26.01 -56.37 13.31
C1 BMA E . -20.54 -57.52 8.80
C2 BMA E . -19.28 -57.36 8.01
C3 BMA E . -19.05 -58.51 7.08
C4 BMA E . -19.19 -59.83 7.83
C5 BMA E . -20.32 -59.82 8.83
C6 BMA E . -20.15 -61.05 9.69
O2 BMA E . -18.20 -57.27 8.94
O3 BMA E . -17.73 -58.35 6.58
O4 BMA E . -19.57 -60.83 6.91
O5 BMA E . -20.33 -58.64 9.63
O6 BMA E . -20.83 -60.87 10.93
C1 IDR F . 17.24 8.75 8.32
C2 IDR F . 15.94 9.59 8.30
C3 IDR F . 15.44 9.76 6.86
C4 IDR F . 16.46 10.47 5.96
C5 IDR F . 17.85 10.50 6.65
C6 IDR F . 18.91 10.86 5.63
O1 IDR F . 17.91 8.69 9.60
O2 IDR F . 14.86 9.02 9.06
O3 IDR F . 14.19 10.46 6.90
O4 IDR F . 16.58 9.84 4.64
O5 IDR F . 18.17 9.24 7.32
O6A IDR F . 19.75 10.00 5.24
O6B IDR F . 18.93 12.03 5.18
C1 GNS F . 15.41 9.96 3.78
C2 GNS F . 15.61 9.21 2.45
N2 GNS F . 16.08 7.83 2.65
S1 GNS F . 15.08 6.63 3.04
O1S GNS F . 13.89 6.67 2.24
O2S GNS F . 14.71 6.73 4.44
O3S GNS F . 15.85 5.20 2.82
C3 GNS F . 16.57 9.93 1.50
O3 GNS F . 16.59 9.28 0.21
C4 GNS F . 16.20 11.41 1.36
C5 GNS F . 16.05 12.02 2.76
O5 GNS F . 15.03 11.30 3.46
C6 GNS F . 15.76 13.52 2.86
O6 GNS F . 14.58 13.87 2.16
O4 GNS F . 17.27 12.01 0.59
C1 IDR F . 16.86 13.03 -0.36
C2 IDR F . 18.15 13.69 -0.96
C3 IDR F . 18.14 13.98 -2.46
C4 IDR F . 16.69 14.11 -2.96
C5 IDR F . 16.09 12.73 -2.69
C6 IDR F . 14.85 12.44 -3.49
O2 IDR F . 18.39 14.94 -0.26
O3 IDR F . 18.82 12.92 -3.19
O4 IDR F . 15.97 15.22 -2.35
O5 IDR F . 15.88 12.54 -1.29
O6A IDR F . 14.39 11.28 -3.38
O6B IDR F . 14.35 13.31 -4.25
C1 GNS F . 16.00 16.41 -3.19
C2 GNS F . 16.22 17.62 -2.29
N2 GNS F . 17.39 17.50 -1.46
S1 GNS F . 18.69 18.41 -1.76
O1S GNS F . 18.56 18.96 -3.08
O2S GNS F . 19.89 17.60 -1.56
O3S GNS F . 18.76 19.71 -0.79
C3 GNS F . 15.01 17.84 -1.43
O3 GNS F . 15.20 19.04 -0.71
C4 GNS F . 13.73 17.89 -2.26
C5 GNS F . 13.65 16.69 -3.22
O5 GNS F . 14.84 16.64 -4.02
C6 GNS F . 12.41 16.66 -4.12
O6 GNS F . 12.44 17.68 -5.11
O4 GNS F . 12.61 17.89 -1.34
C1 IDR F . 11.73 19.00 -1.65
C2 IDR F . 10.42 18.72 -0.94
C3 IDR F . 9.54 19.95 -1.00
C4 IDR F . 10.20 21.12 -0.26
C5 IDR F . 11.74 21.13 -0.30
C6 IDR F . 12.38 22.53 -0.29
O2 IDR F . 9.82 17.63 -1.62
O3 IDR F . 8.27 19.63 -0.41
O4 IDR F . 9.64 22.37 -0.73
O5 IDR F . 12.26 20.32 -1.38
O6A IDR F . 12.99 22.92 0.74
O6B IDR F . 12.35 23.29 -1.30
C1 GNS F . 8.36 22.66 -0.12
C2 GNS F . 7.99 24.09 -0.45
N2 GNS F . 8.01 24.28 -1.90
S1 GNS F . 6.62 24.26 -2.73
O1S GNS F . 6.78 24.34 -4.17
O2S GNS F . 5.72 25.56 -2.26
O3S GNS F . 5.95 23.05 -2.39
C3 GNS F . 8.89 25.07 0.31
O3 GNS F . 8.35 26.39 0.14
C4 GNS F . 8.95 24.73 1.81
C5 GNS F . 9.22 23.25 2.05
O5 GNS F . 8.26 22.50 1.31
C6 GNS F . 9.15 22.82 3.51
O6 GNS F . 10.22 21.91 3.78
O4 GNS F . 10.00 25.44 2.49
C1 IDR F . 9.43 26.32 3.47
C2 IDR F . 10.42 26.61 4.60
C3 IDR F . 10.49 28.10 4.86
C4 IDR F . 10.90 28.82 3.59
C5 IDR F . 10.09 28.31 2.39
C6 IDR F . 9.65 29.42 1.46
O2 IDR F . 9.98 25.94 5.80
O3 IDR F . 11.44 28.40 5.87
O4 IDR F . 10.81 30.24 3.78
O5 IDR F . 8.97 27.55 2.88
O6A IDR F . 10.54 30.11 0.92
O6B IDR F . 8.42 29.60 1.22
C1 NAG G . 14.87 37.46 -15.46
C2 NAG G . 14.59 38.71 -14.65
C3 NAG G . 14.55 39.91 -15.57
C4 NAG G . 15.83 40.01 -16.41
C5 NAG G . 16.29 38.66 -16.98
C6 NAG G . 17.75 38.84 -17.45
C7 NAG G . 13.29 38.27 -12.65
C8 NAG G . 11.93 38.35 -12.01
N2 NAG G . 13.34 38.64 -13.92
O3 NAG G . 14.39 41.06 -14.73
O4 NAG G . 15.57 40.93 -17.48
O5 NAG G . 16.16 37.57 -16.03
O6 NAG G . 18.63 37.77 -17.18
O7 NAG G . 14.28 37.90 -12.00
C1 NAG G . 16.74 41.73 -17.75
C2 NAG G . 16.75 42.23 -19.18
C3 NAG G . 17.83 43.31 -19.43
C4 NAG G . 18.52 43.96 -18.20
C5 NAG G . 18.21 43.31 -16.86
C6 NAG G . 18.36 44.29 -15.71
C7 NAG G . 16.01 40.59 -20.88
C8 NAG G . 16.46 39.43 -21.74
N2 NAG G . 16.95 41.12 -20.10
O3 NAG G . 17.19 44.34 -20.20
O4 NAG G . 19.96 43.94 -18.38
O5 NAG G . 16.87 42.83 -16.86
O6 NAG G . 18.19 43.56 -14.49
O7 NAG G . 14.85 40.99 -20.90
C1 BMA G . 20.55 45.13 -19.00
C2 BMA G . 19.87 45.54 -20.31
C3 BMA G . 20.80 46.42 -21.11
C4 BMA G . 20.97 47.69 -20.25
C5 BMA G . 21.20 47.44 -18.74
C6 BMA G . 20.67 48.62 -17.95
O2 BMA G . 18.67 46.30 -20.04
O3 BMA G . 20.24 46.71 -22.41
O4 BMA G . 22.07 48.46 -20.74
O5 BMA G . 20.59 46.28 -18.16
O6 BMA G . 21.70 49.61 -17.91
C1 MAN G . 20.40 45.75 -23.52
C2 MAN G . 19.13 45.85 -24.38
C3 MAN G . 18.14 44.78 -23.96
C4 MAN G . 18.68 43.41 -24.39
C5 MAN G . 20.18 43.29 -24.04
C6 MAN G . 21.08 43.19 -25.29
O2 MAN G . 19.47 45.75 -25.77
O3 MAN G . 16.83 44.99 -24.49
O4 MAN G . 17.90 42.37 -23.77
O5 MAN G . 20.66 44.37 -23.18
O6 MAN G . 21.92 42.04 -25.17
C1 MAN G . 21.79 50.24 -16.60
C2 MAN G . 22.74 51.45 -16.66
C3 MAN G . 24.15 51.22 -16.09
C4 MAN G . 24.29 50.03 -15.12
C5 MAN G . 23.46 48.84 -15.58
C6 MAN G . 23.55 47.66 -14.63
O2 MAN G . 22.14 52.59 -15.99
O3 MAN G . 24.54 52.44 -15.43
O4 MAN G . 25.66 49.62 -14.99
O5 MAN G . 22.11 49.26 -15.60
O6 MAN G . 22.52 47.83 -13.65
C1 NAG H . 30.04 47.46 -15.94
C2 NAG H . 31.04 46.52 -16.59
C3 NAG H . 31.29 46.95 -18.04
C4 NAG H . 30.01 47.10 -18.83
C5 NAG H . 28.87 47.78 -18.09
C6 NAG H . 27.56 47.34 -18.72
C7 NAG H . 33.12 45.51 -15.84
C8 NAG H . 34.35 45.73 -14.99
N2 NAG H . 32.27 46.51 -15.82
O3 NAG H . 32.13 45.99 -18.72
O4 NAG H . 30.22 47.89 -19.99
O5 NAG H . 28.83 47.44 -16.71
O6 NAG H . 26.46 48.01 -18.11
O7 NAG H . 32.96 44.49 -16.50
C1 NAG H . 29.95 47.12 -21.16
C2 NAG H . 29.93 48.10 -22.34
C3 NAG H . 29.70 47.28 -23.61
C4 NAG H . 30.77 46.20 -23.78
C5 NAG H . 30.72 45.30 -22.54
C6 NAG H . 31.74 44.16 -22.56
C7 NAG H . 29.20 50.40 -21.71
C8 NAG H . 28.01 51.31 -21.53
N2 NAG H . 28.92 49.15 -22.13
O3 NAG H . 29.68 48.13 -24.76
O4 NAG H . 30.51 45.49 -25.02
O5 NAG H . 30.90 46.07 -21.33
O6 NAG H . 32.98 44.58 -21.97
O7 NAG H . 30.32 50.83 -21.47
C1 BMA H . 31.64 45.22 -25.90
C2 BMA H . 31.47 43.78 -26.47
C3 BMA H . 32.38 43.45 -27.65
C4 BMA H . 32.24 44.59 -28.65
C5 BMA H . 32.66 45.91 -28.01
C6 BMA H . 32.74 47.08 -29.00
O2 BMA H . 30.13 43.64 -26.94
O3 BMA H . 32.05 42.17 -28.27
O4 BMA H . 33.03 44.27 -29.80
O5 BMA H . 31.75 46.21 -26.94
O6 BMA H . 31.71 48.08 -28.81
C1 MAN H . 33.00 41.07 -28.03
C2 MAN H . 34.08 40.98 -29.13
C3 MAN H . 33.49 40.59 -30.51
C4 MAN H . 32.13 39.88 -30.40
C5 MAN H . 31.98 39.06 -29.11
C6 MAN H . 32.78 37.75 -29.26
O2 MAN H . 35.14 40.10 -28.74
O3 MAN H . 34.44 39.76 -31.23
O4 MAN H . 31.06 40.82 -30.50
O5 MAN H . 32.33 39.79 -27.91
O6 MAN H . 32.63 36.88 -28.14
C1 NAG I . 48.08 36.21 -1.71
C2 NAG I . 48.84 36.37 -3.01
C3 NAG I . 49.41 35.01 -3.40
C4 NAG I . 50.27 34.43 -2.28
C5 NAG I . 49.60 34.48 -0.91
C6 NAG I . 50.61 34.31 0.24
C7 NAG I . 48.25 37.66 -5.02
C8 NAG I . 47.16 37.95 -6.02
N2 NAG I . 47.91 36.86 -4.01
O3 NAG I . 50.12 35.11 -4.65
O4 NAG I . 50.50 33.04 -2.56
O5 NAG I . 48.92 35.71 -0.67
O6 NAG I . 49.92 33.96 1.45
O7 NAG I . 49.34 38.14 -5.16
C1 NAG I . 51.89 32.67 -2.67
C2 NAG I . 51.99 31.20 -2.22
C3 NAG I . 53.33 30.58 -2.59
C4 NAG I . 53.61 30.82 -4.07
C5 NAG I . 53.68 32.33 -4.30
C6 NAG I . 54.11 32.64 -5.74
C7 NAG I . 50.62 30.66 -0.21
C8 NAG I . 50.61 30.58 1.30
N2 NAG I . 51.77 31.09 -0.77
O3 NAG I . 53.32 29.16 -2.31
O4 NAG I . 54.84 30.19 -4.47
O5 NAG I . 52.38 32.88 -4.02
O6 NAG I . 54.00 34.05 -5.98
O7 NAG I . 49.64 30.35 -0.86
CA CA J . -31.63 -53.09 12.54
C1 NAG K . -40.58 -43.06 -8.97
C2 NAG K . -40.34 -44.49 -9.51
C3 NAG K . -39.67 -44.49 -10.89
C4 NAG K . -40.37 -43.55 -11.86
C5 NAG K . -40.70 -42.18 -11.27
C6 NAG K . -41.62 -41.45 -12.27
C7 NAG K . -39.75 -46.61 -8.39
C8 NAG K . -38.75 -47.37 -7.54
N2 NAG K . -39.48 -45.33 -8.67
O3 NAG K . -39.60 -45.80 -11.50
O4 NAG K . -39.49 -43.43 -13.00
O5 NAG K . -41.29 -42.29 -9.96
O6 NAG K . -42.19 -40.26 -11.74
O7 NAG K . -40.77 -47.15 -8.79
C1 GOL L . -6.61 -4.55 5.26
O1 GOL L . -6.26 -5.61 4.32
C2 GOL L . -6.56 -3.15 4.65
O2 GOL L . -5.94 -3.27 3.34
C3 GOL L . -7.99 -2.59 4.67
O3 GOL L . -8.11 -1.27 4.08
C1 GOL M . -26.87 -38.36 3.14
O1 GOL M . -26.67 -37.67 4.36
C2 GOL M . -27.38 -37.39 2.10
O2 GOL M . -27.22 -38.07 0.80
C3 GOL M . -28.79 -37.00 2.57
O3 GOL M . -29.52 -36.13 1.69
C1 GOL N . 13.81 -10.02 -7.58
O1 GOL N . 15.15 -9.55 -7.56
C2 GOL N . 13.26 -10.61 -6.28
O2 GOL N . 14.13 -10.34 -5.19
C3 GOL N . 13.05 -12.13 -6.42
O3 GOL N . 12.22 -12.39 -7.55
C1 GOL O . -23.91 -32.42 9.49
O1 GOL O . -24.58 -31.40 10.26
C2 GOL O . -24.93 -33.38 8.88
O2 GOL O . -24.29 -34.59 8.44
C3 GOL O . -25.59 -32.66 7.73
O3 GOL O . -26.64 -33.44 7.17
C1 GOL P . -26.81 -25.55 12.29
O1 GOL P . -27.25 -26.44 13.30
C2 GOL P . -25.29 -25.48 12.32
O2 GOL P . -24.71 -26.71 11.88
C3 GOL P . -24.83 -24.42 11.36
O3 GOL P . -25.39 -23.17 11.77
C1 GOL Q . -42.70 -31.30 -5.00
O1 GOL Q . -42.11 -30.15 -5.61
C2 GOL Q . -44.15 -30.96 -4.61
O2 GOL Q . -44.28 -29.60 -4.15
C3 GOL Q . -45.03 -31.15 -5.84
O3 GOL Q . -46.36 -30.71 -5.52
C1 GOL R . 10.20 -21.43 -9.38
O1 GOL R . 8.98 -21.05 -10.00
C2 GOL R . 10.91 -20.13 -9.00
O2 GOL R . 10.16 -19.52 -7.94
C3 GOL R . 12.41 -20.33 -8.68
O3 GOL R . 12.74 -20.49 -7.28
O1 MES S . 3.20 -4.57 -17.11
C2 MES S . 2.29 -5.14 -16.18
C3 MES S . 2.39 -6.67 -16.19
N4 MES S . 3.22 -7.05 -17.34
C5 MES S . 4.59 -6.51 -17.12
C6 MES S . 4.53 -5.02 -16.86
C7 MES S . 3.17 -8.52 -17.56
C8 MES S . 3.92 -9.33 -16.50
S MES S . 3.69 -10.97 -16.64
O1S MES S . 3.56 -11.56 -15.25
O2S MES S . 4.81 -11.60 -17.42
O3S MES S . 2.45 -11.18 -17.43
O1 P6G T . 1.56 -2.92 -18.44
C2 P6G T . 0.65 -3.34 -19.48
C3 P6G T . -0.70 -3.72 -18.88
O4 P6G T . -1.73 -2.82 -19.30
C5 P6G T . -1.73 -1.59 -18.56
C6 P6G T . -2.75 -0.59 -19.12
O7 P6G T . -2.50 0.72 -18.59
C8 P6G T . -3.58 1.63 -18.79
C9 P6G T . -4.50 1.66 -17.57
O10 P6G T . -5.70 2.38 -17.88
C11 P6G T . -6.76 1.56 -18.39
C12 P6G T . -7.61 0.99 -17.24
O13 P6G T . -9.00 1.38 -17.32
C14 P6G T . -9.35 2.62 -16.68
C15 P6G T . -9.87 2.41 -15.24
O16 P6G T . -9.32 3.39 -14.35
C17 P6G T . -9.53 3.14 -12.95
C18 P6G T . -8.21 2.83 -12.24
O19 P6G T . -8.44 2.15 -10.98
CA CA U . 31.69 51.42 -15.34
C1 GOL V . 20.05 35.26 -5.10
O1 GOL V . 19.00 35.81 -5.95
C2 GOL V . 21.32 34.65 -5.77
O2 GOL V . 21.96 35.38 -6.88
C3 GOL V . 22.36 34.46 -4.67
O3 GOL V . 23.59 35.06 -5.11
C1 GOL W . 30.18 28.58 -21.20
O1 GOL W . 30.93 28.36 -22.39
C2 GOL W . 30.99 27.96 -20.11
O2 GOL W . 32.10 28.81 -19.81
C3 GOL W . 30.11 27.78 -18.92
O3 GOL W . 30.90 27.32 -17.80
C1 GOL X . 1.88 6.53 3.01
O1 GOL X . 2.11 5.51 2.01
C2 GOL X . 1.65 7.94 2.45
O2 GOL X . 2.44 8.24 1.25
C3 GOL X . 1.85 8.94 3.60
O3 GOL X . 2.22 8.35 4.87
C1 GOL Y . 30.39 33.33 -7.28
O1 GOL Y . 31.63 33.25 -8.01
C2 GOL Y . 30.13 34.75 -6.76
O2 GOL Y . 29.07 35.36 -7.51
C3 GOL Y . 29.66 34.80 -5.31
O3 GOL Y . 30.62 34.39 -4.34
#